data_6XOC
#
_entry.id   6XOC
#
_cell.length_a   100.016
_cell.length_b   114.417
_cell.length_c   220.969
_cell.angle_alpha   90.000
_cell.angle_beta   90.000
_cell.angle_gamma   90.000
#
_symmetry.space_group_name_H-M   'I 2 2 2'
#
loop_
_entity.id
_entity.type
_entity.pdbx_description
1 polymer 'Iv4 Fab Heavy Chain'
2 polymer 'IV4 Fab Light Chain'
3 polymer 'iGL-VRC01 Fab Heavy Chain'
4 polymer 'iGL-VRC01 Fab Light Chain'
5 non-polymer 'POTASSIUM ION'
6 non-polymer 1,2-ETHANEDIOL
7 non-polymer DI(HYDROXYETHYL)ETHER
8 non-polymer 'THIOCYANATE ION'
9 non-polymer 2-AMINO-2-HYDROXYMETHYL-PROPANE-1,3-DIOL
10 water water
#
loop_
_entity_poly.entity_id
_entity_poly.type
_entity_poly.pdbx_seq_one_letter_code
_entity_poly.pdbx_strand_id
1 'polypeptide(L)'
;QVQLQQPGAELVKPGASVKLSCKASAYTFTSYWINWVKQRPGQGLEWIGNIYPGSSSTNYNEKFKTKATLTVDRSSRTAY
MQLSSLTSDDSAVYYCARLDSGDWYYYGLDYWGQGTSVTVFNQIKGPSVFPLAPSSKSTSGGTAALGCLVKDYFPEPVTV
SWNSGALTSGVHTFPAVLQSSGLYSLSSVVTVPSSSLGTQTYICNVNHKPSNTKVDKRVEP
;
A
2 'polypeptide(L)'
;DVLMTQTPLSLPVSLGDQASISCRSSQNIVHYNGNTYLEWYLQKPGQSPKLLIYQVSNRFSGVPDRFSGSGSGTDFTLKI
SRVEAEDLGVYYCFQGSHVPFTFGSGTKLEIKRTVAAPSVFIFPPSDEQLKSGTASVVCLLNNFYPREAKVQWKVDNALQ
SGNSQESVTEQDSKDSTYSLSSTLTLSKADYEKHKVYACEVTHQGLSSPVTKSFNRG
;
B
3 'polypeptide(L)'
;QVQLVQSGAEVKKPGASVKVSCKASGYTFTGYYMHWVRQAPGQGLEWMGWINPNSGGTNYAQKFQGRVTMTRDTSISTAY
MELSRLRSDDTAVYYCARGKNCDYNWDFQHWGQGTLVTVSSASTKGPSVFPLAPSSKSTSGGTAALGCLVKDYFPEPVTV
SWNSGALTSGVHTFPAVLQSSGLYSLSSVVTVPSSSLGTQTYICNVNHKPSNTKVDKRVEP
;
H
4 'polypeptide(L)'
;EIVLTQSPATLSLSPGERATLSCRASQSVSSYLAWYQQKPGQAPRLLIYDASNRATGIPARFSGSGSGTDFTLTISSLEP
EDFAVYYCQQYEFFGQGTKLEIKRTVAAPSVFIFPPSDEQLKSGTASVVCLLNNFYPREAKVQWKVDNALQSGNSQESVT
EQDSKDSTYSLSSTLTLSKADYEKHKVYACEVTHQGLSSPVTKSFNR
;
L
#
loop_
_chem_comp.id
_chem_comp.type
_chem_comp.name
_chem_comp.formula
EDO non-polymer 1,2-ETHANEDIOL 'C2 H6 O2'
K non-polymer 'POTASSIUM ION' 'K 1'
PEG non-polymer DI(HYDROXYETHYL)ETHER 'C4 H10 O3'
SCN non-polymer 'THIOCYANATE ION' 'C N S -1'
TRS non-polymer 2-AMINO-2-HYDROXYMETHYL-PROPANE-1,3-DIOL 'C4 H12 N O3 1'
#
# COMPACT_ATOMS: atom_id res chain seq x y z
N GLN A 1 -31.36 17.21 -3.15
CA GLN A 1 -30.68 16.17 -2.34
C GLN A 1 -29.42 15.64 -3.04
N VAL A 2 -28.28 15.74 -2.35
CA VAL A 2 -27.02 15.21 -2.85
C VAL A 2 -26.35 14.41 -1.74
N GLN A 3 -25.53 13.45 -2.14
CA GLN A 3 -24.85 12.59 -1.19
C GLN A 3 -23.53 13.18 -0.72
N LEU A 4 -22.84 13.93 -1.57
CA LEU A 4 -21.64 14.63 -1.19
C LEU A 4 -21.70 16.02 -1.81
N GLN A 5 -21.13 16.99 -1.10
CA GLN A 5 -21.13 18.37 -1.54
C GLN A 5 -19.81 19.01 -1.17
N GLN A 6 -19.25 19.78 -2.10
CA GLN A 6 -17.97 20.45 -1.90
C GLN A 6 -18.09 21.92 -2.22
N PRO A 7 -17.34 22.77 -1.50
CA PRO A 7 -17.29 24.19 -1.86
C PRO A 7 -16.68 24.37 -3.24
N GLY A 8 -16.84 25.57 -3.78
CA GLY A 8 -16.48 25.85 -5.15
C GLY A 8 -15.00 26.00 -5.40
N ALA A 9 -14.34 26.89 -4.64
CA ALA A 9 -12.96 27.23 -4.95
C ALA A 9 -12.26 27.80 -3.73
N GLU A 10 -10.93 27.76 -3.79
CA GLU A 10 -10.07 28.27 -2.73
C GLU A 10 -8.86 28.94 -3.37
N LEU A 11 -8.57 30.17 -2.97
CA LEU A 11 -7.36 30.88 -3.38
C LEU A 11 -6.42 30.93 -2.19
N VAL A 12 -5.18 30.48 -2.39
CA VAL A 12 -4.28 30.15 -1.29
C VAL A 12 -2.86 30.50 -1.69
N LYS A 13 -2.01 30.77 -0.66
CA LYS A 13 -0.64 31.18 -0.95
C LYS A 13 0.34 30.02 -0.80
N PRO A 14 1.43 30.05 -1.56
CA PRO A 14 2.45 29.00 -1.41
C PRO A 14 2.96 28.93 0.03
N GLY A 15 3.34 27.73 0.44
CA GLY A 15 3.78 27.49 1.79
C GLY A 15 2.68 27.39 2.82
N ALA A 16 1.49 27.91 2.51
CA ALA A 16 0.39 27.86 3.45
C ALA A 16 -0.26 26.48 3.42
N SER A 17 -1.29 26.30 4.24
CA SER A 17 -2.13 25.13 4.23
C SER A 17 -3.56 25.54 3.90
N VAL A 18 -4.31 24.61 3.32
CA VAL A 18 -5.73 24.82 3.04
C VAL A 18 -6.48 23.56 3.44
N LYS A 19 -7.69 23.74 3.94
CA LYS A 19 -8.51 22.64 4.45
C LYS A 19 -9.78 22.55 3.61
N LEU A 20 -9.79 21.61 2.67
CA LEU A 20 -10.99 21.37 1.89
C LEU A 20 -11.96 20.49 2.66
N SER A 21 -13.25 20.71 2.41
CA SER A 21 -14.31 20.01 3.12
C SER A 21 -15.21 19.30 2.12
N CYS A 22 -15.95 18.32 2.63
CA CYS A 22 -16.86 17.54 1.81
C CYS A 22 -18.02 17.12 2.71
N LYS A 23 -19.16 17.79 2.54
CA LYS A 23 -20.34 17.49 3.34
C LYS A 23 -21.01 16.24 2.79
N ALA A 24 -21.25 15.27 3.67
CA ALA A 24 -21.88 14.01 3.29
C ALA A 24 -23.25 13.86 3.95
N SER A 25 -24.11 13.11 3.30
CA SER A 25 -25.37 12.71 3.90
C SER A 25 -25.13 11.61 4.93
N ALA A 26 -26.10 11.45 5.83
CA ALA A 26 -26.03 10.35 6.78
C ALA A 26 -25.92 9.01 6.07
N TYR A 27 -26.67 8.84 4.98
CA TYR A 27 -26.65 7.59 4.23
C TYR A 27 -25.23 7.24 3.79
N THR A 28 -24.50 8.23 3.28
CA THR A 28 -23.12 7.99 2.83
C THR A 28 -22.16 7.93 4.02
N PHE A 29 -22.31 8.82 4.99
CA PHE A 29 -21.41 8.85 6.14
C PHE A 29 -21.44 7.55 6.93
N THR A 30 -22.55 6.81 6.88
CA THR A 30 -22.70 5.66 7.76
C THR A 30 -21.89 4.48 7.27
N SER A 31 -21.77 4.30 5.95
CA SER A 31 -21.30 3.04 5.38
C SER A 31 -20.24 3.16 4.30
N TYR A 32 -19.84 4.36 3.91
CA TYR A 32 -18.95 4.54 2.78
C TYR A 32 -17.61 5.11 3.21
N TRP A 33 -16.54 4.64 2.55
CA TRP A 33 -15.26 5.33 2.61
C TRP A 33 -15.33 6.62 1.81
N ILE A 34 -14.68 7.67 2.30
CA ILE A 34 -14.64 8.96 1.61
C ILE A 34 -13.26 9.12 0.98
N ASN A 35 -13.21 9.22 -0.34
CA ASN A 35 -11.98 9.27 -1.11
C ASN A 35 -11.76 10.67 -1.66
N TRP A 36 -10.49 11.06 -1.80
CA TRP A 36 -10.10 12.31 -2.41
C TRP A 36 -9.26 12.02 -3.63
N VAL A 37 -9.52 12.76 -4.70
CA VAL A 37 -8.88 12.54 -6.00
C VAL A 37 -8.45 13.90 -6.55
N LYS A 38 -7.22 13.98 -7.01
CA LYS A 38 -6.64 15.19 -7.58
C LYS A 38 -6.76 15.17 -9.09
N GLN A 39 -7.07 16.32 -9.67
CA GLN A 39 -7.03 16.49 -11.12
C GLN A 39 -6.43 17.85 -11.44
N ARG A 40 -5.19 17.86 -11.91
CA ARG A 40 -4.59 19.11 -12.34
C ARG A 40 -5.19 19.53 -13.68
N PRO A 41 -5.27 20.84 -13.93
CA PRO A 41 -5.93 21.32 -15.16
C PRO A 41 -5.40 20.62 -16.41
N GLY A 42 -6.29 19.94 -17.13
CA GLY A 42 -5.94 19.25 -18.35
C GLY A 42 -5.33 17.88 -18.18
N GLN A 43 -4.88 17.53 -16.98
CA GLN A 43 -4.27 16.24 -16.72
C GLN A 43 -5.35 15.25 -16.27
N GLY A 44 -4.92 14.08 -15.78
CA GLY A 44 -5.82 13.03 -15.41
C GLY A 44 -6.08 12.95 -13.91
N LEU A 45 -6.84 11.93 -13.53
CA LEU A 45 -7.25 11.76 -12.14
C LEU A 45 -6.18 11.03 -11.35
N GLU A 46 -6.03 11.39 -10.08
CA GLU A 46 -5.00 10.85 -9.22
C GLU A 46 -5.59 10.67 -7.83
N TRP A 47 -5.53 9.45 -7.32
CA TRP A 47 -6.14 9.11 -6.03
C TRP A 47 -5.20 9.47 -4.89
N ILE A 48 -5.71 10.20 -3.91
CA ILE A 48 -4.89 10.69 -2.80
C ILE A 48 -4.98 9.76 -1.60
N GLY A 49 -6.18 9.33 -1.26
CA GLY A 49 -6.42 8.57 -0.06
C GLY A 49 -7.89 8.50 0.22
N ASN A 50 -8.23 7.85 1.33
CA ASN A 50 -9.62 7.82 1.75
C ASN A 50 -9.66 7.59 3.25
N ILE A 51 -10.86 7.73 3.80
CA ILE A 51 -11.06 7.64 5.25
C ILE A 51 -12.42 7.00 5.49
N TYR A 52 -12.49 6.13 6.49
CA TYR A 52 -13.77 5.56 6.90
C TYR A 52 -14.38 6.44 7.99
N PRO A 53 -15.53 7.08 7.75
CA PRO A 53 -16.04 8.05 8.73
C PRO A 53 -16.29 7.45 10.10
N GLY A 54 -16.82 6.23 10.16
CA GLY A 54 -17.16 5.64 11.45
C GLY A 54 -15.98 5.42 12.37
N SER A 55 -14.77 5.34 11.81
CA SER A 55 -13.59 5.02 12.60
C SER A 55 -12.41 5.95 12.37
N SER A 56 -12.47 6.83 11.37
CA SER A 56 -11.33 7.65 10.97
C SER A 56 -10.13 6.80 10.53
N SER A 57 -10.37 5.53 10.20
CA SER A 57 -9.37 4.75 9.50
C SER A 57 -9.00 5.48 8.22
N THR A 58 -7.70 5.56 7.93
CA THR A 58 -7.22 6.27 6.76
C THR A 58 -6.36 5.35 5.90
N ASN A 59 -6.38 5.63 4.59
CA ASN A 59 -5.49 5.02 3.62
C ASN A 59 -4.89 6.14 2.78
N TYR A 60 -3.62 6.01 2.42
CA TYR A 60 -2.93 7.07 1.71
C TYR A 60 -2.19 6.53 0.50
N ASN A 61 -2.07 7.40 -0.51
CA ASN A 61 -1.10 7.25 -1.57
C ASN A 61 0.21 7.82 -1.07
N GLU A 62 1.28 7.01 -1.08
CA GLU A 62 2.54 7.41 -0.46
C GLU A 62 3.02 8.77 -0.96
N LYS A 63 2.71 9.13 -2.20
CA LYS A 63 3.16 10.42 -2.71
C LYS A 63 2.53 11.58 -1.95
N PHE A 64 1.34 11.37 -1.38
CA PHE A 64 0.65 12.41 -0.64
C PHE A 64 0.74 12.21 0.87
N LYS A 65 1.60 11.30 1.34
CA LYS A 65 1.65 10.98 2.76
C LYS A 65 1.86 12.24 3.60
N THR A 66 2.74 13.12 3.17
CA THR A 66 3.02 14.34 3.92
C THR A 66 2.18 15.52 3.46
N LYS A 67 1.72 15.48 2.21
CA LYS A 67 0.94 16.59 1.67
C LYS A 67 -0.46 16.63 2.26
N ALA A 68 -1.08 15.47 2.44
CA ALA A 68 -2.51 15.38 2.70
C ALA A 68 -2.78 14.70 4.04
N THR A 69 -3.71 15.28 4.80
CA THR A 69 -4.16 14.75 6.07
C THR A 69 -5.69 14.69 6.04
N LEU A 70 -6.23 13.51 6.29
CA LEU A 70 -7.66 13.28 6.18
C LEU A 70 -8.28 13.13 7.57
N THR A 71 -9.38 13.86 7.79
CA THR A 71 -10.15 13.77 9.03
C THR A 71 -11.64 13.79 8.67
N VAL A 72 -12.47 13.58 9.70
CA VAL A 72 -13.90 13.79 9.57
C VAL A 72 -14.41 14.42 10.87
N ASP A 73 -15.49 15.18 10.75
CA ASP A 73 -16.22 15.72 11.89
C ASP A 73 -17.55 14.97 11.96
N ARG A 74 -17.75 14.19 13.02
CA ARG A 74 -18.92 13.31 13.09
C ARG A 74 -20.22 14.10 13.14
N SER A 75 -20.26 15.18 13.90
CA SER A 75 -21.53 15.87 14.12
C SER A 75 -22.04 16.48 12.82
N SER A 76 -21.14 17.02 12.01
CA SER A 76 -21.52 17.63 10.74
C SER A 76 -21.44 16.65 9.56
N ARG A 77 -21.03 15.40 9.80
CA ARG A 77 -20.88 14.42 8.73
C ARG A 77 -20.08 15.00 7.57
N THR A 78 -18.98 15.67 7.91
CA THR A 78 -18.14 16.35 6.93
C THR A 78 -16.77 15.71 6.91
N ALA A 79 -16.26 15.45 5.70
CA ALA A 79 -14.91 14.97 5.49
C ALA A 79 -14.01 16.14 5.13
N TYR A 80 -12.83 16.18 5.72
CA TYR A 80 -11.85 17.22 5.46
C TYR A 80 -10.58 16.61 4.89
N MET A 81 -9.87 17.41 4.10
CA MET A 81 -8.52 17.05 3.68
C MET A 81 -7.68 18.31 3.75
N GLN A 82 -6.67 18.31 4.62
CA GLN A 82 -5.74 19.42 4.72
C GLN A 82 -4.57 19.18 3.78
N LEU A 83 -4.27 20.18 2.96
CA LEU A 83 -3.10 20.17 2.07
C LEU A 83 -2.07 21.13 2.65
N SER A 84 -0.88 20.61 2.93
CA SER A 84 0.17 21.37 3.60
C SER A 84 1.23 21.84 2.62
N SER A 85 2.01 22.82 3.06
CA SER A 85 3.13 23.38 2.32
C SER A 85 2.81 23.48 0.83
N LEU A 86 1.79 24.27 0.54
CA LEU A 86 1.23 24.33 -0.80
C LEU A 86 2.27 24.85 -1.79
N THR A 87 2.20 24.34 -3.01
CA THR A 87 3.04 24.80 -4.11
C THR A 87 2.19 24.95 -5.37
N SER A 88 2.80 25.52 -6.40
CA SER A 88 2.15 25.62 -7.70
C SER A 88 1.58 24.27 -8.14
N ASP A 89 2.24 23.17 -7.80
CA ASP A 89 1.81 21.86 -8.26
C ASP A 89 0.52 21.41 -7.60
N ASP A 90 0.17 21.99 -6.45
CA ASP A 90 -1.08 21.68 -5.77
C ASP A 90 -2.27 22.43 -6.35
N SER A 91 -2.06 23.30 -7.34
CA SER A 91 -3.17 23.93 -8.02
C SER A 91 -3.91 22.89 -8.84
N ALA A 92 -5.17 22.63 -8.48
CA ALA A 92 -5.92 21.59 -9.14
C ALA A 92 -7.36 21.57 -8.66
N VAL A 93 -8.18 20.69 -9.25
CA VAL A 93 -9.50 20.37 -8.73
C VAL A 93 -9.39 19.10 -7.91
N TYR A 94 -9.94 19.12 -6.70
CA TYR A 94 -9.91 17.98 -5.80
C TYR A 94 -11.33 17.47 -5.61
N TYR A 95 -11.54 16.19 -5.92
CA TYR A 95 -12.86 15.60 -5.88
C TYR A 95 -13.06 14.80 -4.61
N CYS A 96 -14.30 14.80 -4.13
CA CYS A 96 -14.77 13.91 -3.09
C CYS A 96 -15.54 12.78 -3.75
N ALA A 97 -15.32 11.54 -3.28
CA ALA A 97 -16.04 10.41 -3.85
C ALA A 97 -16.14 9.30 -2.83
N ARG A 98 -17.29 8.63 -2.81
CA ARG A 98 -17.60 7.59 -1.84
C ARG A 98 -17.32 6.20 -2.42
N LEU A 99 -17.01 5.27 -1.52
CA LEU A 99 -16.70 3.89 -1.89
C LEU A 99 -17.39 2.97 -0.91
N ASP A 100 -18.20 2.03 -1.37
CA ASP A 100 -18.90 1.12 -0.50
C ASP A 100 -17.98 0.25 0.35
N SER A 101 -18.44 -0.16 1.49
CA SER A 101 -17.62 -0.91 2.37
C SER A 101 -17.98 -2.37 2.45
N GLY A 102 -17.17 -3.14 3.11
CA GLY A 102 -17.43 -4.53 3.28
C GLY A 102 -16.19 -5.36 3.24
N ASP A 103 -16.20 -6.63 2.87
CA ASP A 103 -14.94 -7.45 2.87
C ASP A 103 -14.32 -7.01 1.60
N TRP A 104 -13.65 -5.76 1.60
CA TRP A 104 -13.27 -4.91 0.48
C TRP A 104 -14.54 -4.26 -0.08
N TYR A 105 -14.39 -3.27 -0.96
CA TYR A 105 -15.56 -2.72 -1.62
C TYR A 105 -16.05 -3.70 -2.67
N TYR A 106 -17.11 -3.32 -3.38
CA TYR A 106 -17.71 -4.18 -4.38
C TYR A 106 -17.99 -3.47 -5.69
N TYR A 107 -18.53 -2.26 -5.65
CA TYR A 107 -18.84 -1.54 -6.88
C TYR A 107 -17.72 -0.58 -7.27
N GLY A 108 -17.62 0.54 -6.57
CA GLY A 108 -16.56 1.50 -6.87
C GLY A 108 -16.93 2.89 -6.37
N LEU A 109 -16.30 3.88 -6.99
CA LEU A 109 -16.55 5.29 -6.66
C LEU A 109 -17.77 5.75 -7.45
N ASP A 110 -18.94 5.43 -6.91
CA ASP A 110 -20.19 5.61 -7.64
C ASP A 110 -20.81 7.00 -7.49
N TYR A 111 -20.36 7.80 -6.53
CA TYR A 111 -20.93 9.13 -6.33
C TYR A 111 -19.79 10.09 -6.04
N TRP A 112 -19.67 11.12 -6.86
CA TRP A 112 -18.61 12.10 -6.76
C TRP A 112 -19.19 13.47 -6.45
N GLY A 113 -18.49 14.24 -5.63
CA GLY A 113 -18.77 15.64 -5.49
C GLY A 113 -18.45 16.34 -6.80
N GLN A 114 -18.74 17.64 -6.83
CA GLN A 114 -18.44 18.44 -8.01
C GLN A 114 -17.04 19.02 -7.98
N GLY A 115 -16.30 18.83 -6.90
CA GLY A 115 -14.90 19.25 -6.87
C GLY A 115 -14.72 20.66 -6.36
N THR A 116 -13.55 20.88 -5.76
CA THR A 116 -13.14 22.18 -5.24
C THR A 116 -11.89 22.61 -5.98
N SER A 117 -11.94 23.76 -6.65
CA SER A 117 -10.78 24.28 -7.34
C SER A 117 -9.86 24.98 -6.35
N VAL A 118 -8.57 24.61 -6.38
CA VAL A 118 -7.56 25.23 -5.54
C VAL A 118 -6.53 25.88 -6.46
N THR A 119 -6.27 27.16 -6.22
CA THR A 119 -5.27 27.92 -6.97
C THR A 119 -4.27 28.49 -5.99
N VAL A 120 -3.00 28.16 -6.19
CA VAL A 120 -1.92 28.64 -5.33
C VAL A 120 -1.25 29.79 -6.06
N PHE A 121 -1.36 30.99 -5.50
CA PHE A 121 -0.94 32.22 -6.16
C PHE A 121 0.15 32.89 -5.34
N ASN A 122 1.25 33.25 -6.01
CA ASN A 122 2.28 34.05 -5.38
C ASN A 122 2.10 35.54 -5.65
N GLN A 123 1.47 35.90 -6.76
CA GLN A 123 1.22 37.29 -7.11
C GLN A 123 -0.18 37.41 -7.69
N ILE A 124 -0.75 38.60 -7.56
CA ILE A 124 -2.06 38.93 -8.11
C ILE A 124 -1.85 40.04 -9.11
N LYS A 125 -2.04 39.74 -10.39
CA LYS A 125 -1.81 40.70 -11.47
C LYS A 125 -2.98 40.65 -12.44
N GLY A 126 -3.68 41.77 -12.58
CA GLY A 126 -4.78 41.87 -13.51
C GLY A 126 -4.31 41.83 -14.94
N PRO A 127 -5.22 41.54 -15.86
CA PRO A 127 -4.85 41.44 -17.28
C PRO A 127 -4.87 42.79 -18.00
N SER A 128 -4.12 42.82 -19.09
CA SER A 128 -4.21 43.89 -20.09
C SER A 128 -5.01 43.36 -21.27
N VAL A 129 -6.02 44.13 -21.69
CA VAL A 129 -6.94 43.69 -22.74
C VAL A 129 -6.72 44.58 -23.96
N PHE A 130 -6.18 43.99 -25.03
CA PHE A 130 -5.90 44.69 -26.27
C PHE A 130 -6.82 44.19 -27.37
N PRO A 131 -7.25 45.07 -28.28
CA PRO A 131 -8.17 44.63 -29.33
C PRO A 131 -7.44 43.92 -30.47
N LEU A 132 -8.05 42.84 -30.95
CA LEU A 132 -7.63 42.19 -32.19
C LEU A 132 -8.66 42.59 -33.23
N ALA A 133 -8.36 43.63 -33.96
CA ALA A 133 -9.30 44.18 -34.91
C ALA A 133 -9.03 43.66 -36.31
N PRO A 134 -10.07 43.51 -37.13
CA PRO A 134 -9.86 43.15 -38.53
C PRO A 134 -9.25 44.32 -39.29
N SER A 135 -8.22 44.04 -40.07
CA SER A 135 -7.40 45.09 -40.65
C SER A 135 -8.02 45.65 -41.93
N SER A 136 -7.30 46.58 -42.55
CA SER A 136 -7.75 47.26 -43.74
C SER A 136 -8.36 46.30 -44.76
N LYS A 137 -7.60 45.31 -45.22
CA LYS A 137 -8.15 44.49 -46.30
C LYS A 137 -8.70 43.15 -45.73
N SER A 138 -9.85 43.30 -45.08
CA SER A 138 -10.76 42.22 -44.64
C SER A 138 -11.69 42.09 -45.82
N THR A 139 -11.86 40.92 -46.42
CA THR A 139 -12.71 40.80 -47.63
C THR A 139 -14.11 41.38 -47.34
N SER A 140 -14.50 42.46 -48.05
CA SER A 140 -15.80 43.13 -47.91
C SER A 140 -16.87 42.16 -48.36
N GLY A 141 -18.03 42.22 -47.73
CA GLY A 141 -19.13 41.33 -48.07
C GLY A 141 -18.88 39.88 -47.73
N GLY A 142 -18.00 39.59 -46.78
CA GLY A 142 -17.73 38.24 -46.36
C GLY A 142 -17.91 38.08 -44.86
N THR A 143 -16.99 37.35 -44.26
CA THR A 143 -16.96 37.10 -42.82
C THR A 143 -15.66 37.65 -42.26
N ALA A 144 -15.75 38.29 -41.10
CA ALA A 144 -14.60 38.90 -40.46
C ALA A 144 -14.43 38.33 -39.07
N ALA A 145 -13.18 38.31 -38.61
CA ALA A 145 -12.84 37.86 -37.26
C ALA A 145 -12.34 39.05 -36.46
N LEU A 146 -12.83 39.17 -35.23
CA LEU A 146 -12.32 40.13 -34.27
C LEU A 146 -12.17 39.42 -32.93
N GLY A 147 -11.35 39.99 -32.06
CA GLY A 147 -11.10 39.35 -30.79
C GLY A 147 -10.55 40.32 -29.77
N CYS A 148 -10.13 39.74 -28.64
CA CYS A 148 -9.53 40.50 -27.54
C CYS A 148 -8.32 39.74 -27.02
N LEU A 149 -7.18 40.43 -26.95
CA LEU A 149 -5.93 39.85 -26.43
C LEU A 149 -5.85 40.17 -24.94
N VAL A 150 -6.09 39.17 -24.12
CA VAL A 150 -6.02 39.30 -22.66
C VAL A 150 -4.62 38.84 -22.26
N LYS A 151 -3.72 39.79 -22.05
CA LYS A 151 -2.31 39.49 -21.88
C LYS A 151 -1.82 39.79 -20.47
N ASP A 152 -0.86 38.99 -20.03
CA ASP A 152 -0.05 39.24 -18.84
C ASP A 152 -0.91 39.37 -17.58
N TYR A 153 -1.48 38.22 -17.19
CA TYR A 153 -2.25 38.13 -15.95
C TYR A 153 -1.83 36.89 -15.17
N PHE A 154 -2.10 36.92 -13.87
CA PHE A 154 -1.70 35.86 -12.93
C PHE A 154 -2.49 36.02 -11.65
N PRO A 155 -3.09 34.94 -11.12
CA PRO A 155 -3.19 33.55 -11.56
C PRO A 155 -4.38 33.34 -12.50
N GLU A 156 -4.56 32.13 -13.03
CA GLU A 156 -5.81 31.81 -13.71
C GLU A 156 -6.93 31.82 -12.67
N PRO A 157 -8.19 32.02 -13.10
CA PRO A 157 -8.75 32.18 -14.44
C PRO A 157 -9.25 33.59 -14.78
N VAL A 158 -9.45 33.86 -16.06
CA VAL A 158 -10.16 35.05 -16.52
C VAL A 158 -11.39 34.60 -17.30
N THR A 159 -12.54 35.19 -16.99
CA THR A 159 -13.76 34.97 -17.75
C THR A 159 -13.83 36.01 -18.86
N VAL A 160 -14.15 35.56 -20.07
CA VAL A 160 -14.33 36.45 -21.21
C VAL A 160 -15.73 36.21 -21.79
N SER A 161 -16.49 37.29 -21.94
CA SER A 161 -17.78 37.27 -22.60
C SER A 161 -17.82 38.39 -23.63
N TRP A 162 -18.78 38.30 -24.55
CA TRP A 162 -18.92 39.28 -25.61
C TRP A 162 -20.29 39.93 -25.52
N ASN A 163 -20.30 41.27 -25.56
CA ASN A 163 -21.53 42.05 -25.45
C ASN A 163 -22.38 41.57 -24.28
N SER A 164 -21.72 41.42 -23.13
CA SER A 164 -22.38 41.07 -21.87
C SER A 164 -23.21 39.79 -22.01
N GLY A 165 -22.67 38.84 -22.77
CA GLY A 165 -23.29 37.55 -22.91
C GLY A 165 -24.26 37.42 -24.07
N ALA A 166 -24.64 38.54 -24.71
CA ALA A 166 -25.56 38.45 -25.83
C ALA A 166 -24.94 37.78 -27.06
N LEU A 167 -23.62 37.79 -27.16
CA LEU A 167 -22.91 37.26 -28.33
C LEU A 167 -22.12 36.03 -27.89
N THR A 168 -22.68 34.85 -28.16
CA THR A 168 -22.04 33.59 -27.83
C THR A 168 -21.65 32.75 -29.04
N SER A 169 -22.50 32.69 -30.06
CA SER A 169 -22.28 31.74 -31.15
C SER A 169 -21.00 32.06 -31.90
N GLY A 170 -20.17 31.04 -32.09
CA GLY A 170 -18.91 31.23 -32.77
C GLY A 170 -17.82 31.85 -31.94
N VAL A 171 -18.06 32.09 -30.65
CA VAL A 171 -17.01 32.61 -29.79
C VAL A 171 -16.02 31.48 -29.49
N HIS A 172 -14.74 31.79 -29.60
CA HIS A 172 -13.68 30.85 -29.25
C HIS A 172 -12.73 31.56 -28.29
N THR A 173 -12.86 31.28 -27.00
CA THR A 173 -11.91 31.75 -26.00
C THR A 173 -10.88 30.64 -25.79
N PHE A 174 -9.65 30.90 -26.18
CA PHE A 174 -8.65 29.85 -26.24
C PHE A 174 -8.11 29.53 -24.85
N PRO A 175 -7.64 28.30 -24.63
CA PRO A 175 -6.95 28.00 -23.36
C PRO A 175 -5.77 28.92 -23.14
N ALA A 176 -5.58 29.33 -21.89
CA ALA A 176 -4.50 30.24 -21.56
C ALA A 176 -3.14 29.57 -21.79
N VAL A 177 -2.15 30.39 -22.10
CA VAL A 177 -0.78 29.95 -22.31
C VAL A 177 0.11 30.65 -21.30
N LEU A 178 0.99 29.90 -20.65
CA LEU A 178 1.98 30.46 -19.73
C LEU A 178 3.20 30.89 -20.55
N GLN A 179 3.58 32.15 -20.42
CA GLN A 179 4.68 32.70 -21.18
C GLN A 179 5.98 32.59 -20.37
N SER A 180 7.11 32.77 -21.07
CA SER A 180 8.38 32.94 -20.37
C SER A 180 8.25 33.98 -19.27
N SER A 181 7.39 34.97 -19.49
CA SER A 181 7.06 35.95 -18.45
C SER A 181 6.75 35.31 -17.11
N GLY A 182 6.29 34.06 -17.11
CA GLY A 182 5.60 33.52 -15.95
C GLY A 182 4.19 34.01 -15.79
N LEU A 183 3.68 34.76 -16.77
CA LEU A 183 2.32 35.27 -16.77
C LEU A 183 1.49 34.54 -17.81
N TYR A 184 0.18 34.63 -17.65
CA TYR A 184 -0.77 33.98 -18.56
C TYR A 184 -1.23 34.96 -19.63
N SER A 185 -1.50 34.44 -20.81
CA SER A 185 -2.04 35.24 -21.91
C SER A 185 -2.98 34.36 -22.73
N LEU A 186 -4.04 34.98 -23.25
CA LEU A 186 -4.97 34.28 -24.12
C LEU A 186 -5.68 35.28 -25.01
N SER A 187 -6.38 34.75 -26.02
CA SER A 187 -7.20 35.54 -26.91
C SER A 187 -8.58 34.92 -27.01
N SER A 188 -9.60 35.77 -27.10
CA SER A 188 -10.97 35.37 -27.36
C SER A 188 -11.38 35.94 -28.71
N VAL A 189 -11.83 35.08 -29.62
CA VAL A 189 -12.17 35.50 -30.97
C VAL A 189 -13.63 35.15 -31.25
N VAL A 190 -14.21 35.90 -32.19
CA VAL A 190 -15.55 35.64 -32.69
C VAL A 190 -15.59 36.08 -34.15
N THR A 191 -16.39 35.37 -34.95
CA THR A 191 -16.57 35.70 -36.36
C THR A 191 -17.94 36.31 -36.57
N VAL A 192 -18.00 37.36 -37.39
CA VAL A 192 -19.22 38.11 -37.63
C VAL A 192 -19.25 38.54 -39.09
N PRO A 193 -20.43 38.92 -39.59
CA PRO A 193 -20.50 39.45 -40.95
C PRO A 193 -19.65 40.71 -41.08
N SER A 194 -18.86 40.78 -42.15
CA SER A 194 -18.01 41.94 -42.37
C SER A 194 -18.84 43.23 -42.42
N SER A 195 -20.02 43.16 -43.01
CA SER A 195 -20.85 44.35 -43.18
C SER A 195 -21.31 44.93 -41.85
N SER A 196 -21.24 44.15 -40.77
CA SER A 196 -21.65 44.61 -39.46
C SER A 196 -20.58 45.41 -38.74
N LEU A 197 -19.38 45.53 -39.32
CA LEU A 197 -18.27 46.13 -38.59
C LEU A 197 -18.46 47.62 -38.37
N GLY A 198 -18.97 48.34 -39.38
CA GLY A 198 -19.22 49.76 -39.19
C GLY A 198 -20.43 50.08 -38.33
N THR A 199 -21.20 49.07 -37.96
CA THR A 199 -22.52 49.28 -37.38
C THR A 199 -22.65 48.76 -35.96
N GLN A 200 -22.34 47.49 -35.74
CA GLN A 200 -22.62 46.83 -34.47
C GLN A 200 -21.47 46.99 -33.49
N THR A 201 -21.80 47.29 -32.25
CA THR A 201 -20.79 47.36 -31.20
C THR A 201 -20.36 45.95 -30.82
N TYR A 202 -19.05 45.78 -30.62
CA TYR A 202 -18.48 44.51 -30.18
C TYR A 202 -17.56 44.80 -29.00
N ILE A 203 -17.93 44.29 -27.83
CA ILE A 203 -17.21 44.52 -26.59
C ILE A 203 -16.90 43.17 -25.97
N CYS A 204 -15.65 42.99 -25.54
CA CYS A 204 -15.28 41.82 -24.76
C CYS A 204 -15.27 42.21 -23.28
N ASN A 205 -15.98 41.45 -22.47
CA ASN A 205 -16.01 41.65 -21.02
C ASN A 205 -15.07 40.64 -20.39
N VAL A 206 -13.92 41.11 -19.92
CA VAL A 206 -12.91 40.24 -19.29
C VAL A 206 -12.95 40.49 -17.79
N ASN A 207 -13.26 39.45 -17.02
CA ASN A 207 -13.28 39.50 -15.57
C ASN A 207 -12.18 38.62 -15.01
N HIS A 208 -11.34 39.19 -14.14
CA HIS A 208 -10.25 38.48 -13.46
C HIS A 208 -10.53 38.60 -11.97
N LYS A 209 -11.33 37.67 -11.43
CA LYS A 209 -11.73 37.77 -10.04
C LYS A 209 -10.57 37.78 -9.05
N PRO A 210 -9.47 37.05 -9.28
CA PRO A 210 -8.34 37.14 -8.33
C PRO A 210 -7.97 38.57 -7.95
N SER A 211 -8.00 39.49 -8.91
CA SER A 211 -7.73 40.90 -8.64
C SER A 211 -9.01 41.75 -8.66
N ASN A 212 -10.17 41.11 -8.71
CA ASN A 212 -11.46 41.80 -8.81
C ASN A 212 -11.39 42.90 -9.88
N THR A 213 -11.09 42.48 -11.10
CA THR A 213 -10.89 43.39 -12.22
C THR A 213 -11.90 43.09 -13.32
N LYS A 214 -12.76 44.06 -13.62
CA LYS A 214 -13.68 44.01 -14.74
C LYS A 214 -13.22 44.99 -15.80
N VAL A 215 -13.02 44.51 -17.03
CA VAL A 215 -12.57 45.34 -18.14
C VAL A 215 -13.47 45.08 -19.33
N ASP A 216 -13.95 46.16 -19.95
CA ASP A 216 -14.77 46.10 -21.15
C ASP A 216 -14.00 46.79 -22.26
N LYS A 217 -13.52 46.02 -23.24
CA LYS A 217 -12.76 46.57 -24.35
C LYS A 217 -13.61 46.54 -25.62
N ARG A 218 -13.80 47.72 -26.22
CA ARG A 218 -14.51 47.83 -27.48
C ARG A 218 -13.54 47.54 -28.61
N VAL A 219 -13.97 46.70 -29.56
CA VAL A 219 -13.13 46.28 -30.67
C VAL A 219 -13.65 46.98 -31.92
N GLU A 220 -12.89 47.96 -32.41
CA GLU A 220 -13.22 48.72 -33.60
C GLU A 220 -12.26 48.41 -34.75
N PRO A 221 -12.70 48.60 -36.00
CA PRO A 221 -11.83 48.28 -37.14
C PRO A 221 -10.51 49.04 -37.14
N ASP B 1 3.17 0.58 -6.10
CA ASP B 1 1.89 0.93 -6.73
C ASP B 1 1.67 0.10 -8.00
N VAL B 2 0.41 -0.26 -8.26
CA VAL B 2 0.07 -0.90 -9.53
C VAL B 2 -0.08 0.21 -10.57
N LEU B 3 0.67 0.09 -11.67
CA LEU B 3 0.58 1.03 -12.77
C LEU B 3 -0.46 0.54 -13.77
N MET B 4 -1.30 1.46 -14.26
CA MET B 4 -2.33 1.13 -15.23
C MET B 4 -1.98 1.83 -16.54
N THR B 5 -1.60 1.04 -17.55
CA THR B 5 -1.23 1.56 -18.86
C THR B 5 -2.45 1.49 -19.77
N GLN B 6 -2.88 2.66 -20.26
CA GLN B 6 -4.09 2.79 -21.04
C GLN B 6 -3.77 3.14 -22.48
N THR B 7 -4.47 2.50 -23.41
CA THR B 7 -4.19 2.63 -24.83
C THR B 7 -5.49 2.76 -25.60
N PRO B 8 -5.66 3.79 -26.45
CA PRO B 8 -4.75 4.90 -26.77
C PRO B 8 -5.06 6.13 -25.94
N LEU B 9 -4.14 7.09 -25.91
CA LEU B 9 -4.44 8.35 -25.23
C LEU B 9 -5.48 9.16 -25.99
N SER B 10 -5.51 9.04 -27.31
CA SER B 10 -6.50 9.70 -28.15
C SER B 10 -7.11 8.66 -29.09
N LEU B 11 -8.44 8.65 -29.16
CA LEU B 11 -9.17 7.63 -29.92
C LEU B 11 -10.17 8.30 -30.85
N PRO B 12 -9.76 8.61 -32.08
CA PRO B 12 -10.72 9.13 -33.07
C PRO B 12 -11.71 8.05 -33.50
N VAL B 13 -13.00 8.39 -33.42
CA VAL B 13 -14.08 7.46 -33.75
C VAL B 13 -15.17 8.24 -34.46
N SER B 14 -15.81 7.61 -35.44
CA SER B 14 -16.92 8.23 -36.14
C SER B 14 -18.23 7.82 -35.50
N LEU B 15 -19.18 8.76 -35.44
CA LEU B 15 -20.47 8.47 -34.84
C LEU B 15 -21.07 7.22 -35.45
N GLY B 16 -21.60 6.34 -34.60
CA GLY B 16 -22.14 5.08 -35.02
C GLY B 16 -21.14 3.94 -35.08
N ASP B 17 -19.84 4.24 -35.09
CA ASP B 17 -18.84 3.20 -35.09
C ASP B 17 -18.54 2.73 -33.66
N GLN B 18 -17.77 1.65 -33.57
CA GLN B 18 -17.38 1.10 -32.29
C GLN B 18 -16.05 1.70 -31.84
N ALA B 19 -15.95 1.98 -30.55
CA ALA B 19 -14.71 2.40 -29.92
C ALA B 19 -14.26 1.32 -28.95
N SER B 20 -12.96 1.04 -28.92
CA SER B 20 -12.41 0.07 -27.98
C SER B 20 -11.17 0.67 -27.33
N ILE B 21 -11.14 0.63 -26.00
CA ILE B 21 -10.08 1.19 -25.17
C ILE B 21 -9.46 0.04 -24.39
N SER B 22 -8.14 0.03 -24.32
CA SER B 22 -7.41 -1.02 -23.64
C SER B 22 -6.68 -0.50 -22.41
N CYS B 23 -6.63 -1.30 -21.35
CA CYS B 23 -5.96 -0.96 -20.10
C CYS B 23 -5.18 -2.22 -19.64
N ARG B 24 -3.95 -2.09 -19.21
CA ARG B 24 -3.19 -3.23 -18.70
C ARG B 24 -2.62 -2.83 -17.34
N SER B 25 -2.73 -3.68 -16.33
CA SER B 25 -2.21 -3.49 -14.97
C SER B 25 -0.82 -4.09 -14.90
N SER B 26 0.13 -3.44 -14.25
CA SER B 26 1.48 -3.99 -14.11
C SER B 26 1.51 -5.23 -13.22
N GLN B 27 0.52 -5.40 -12.36
CA GLN B 27 0.36 -6.63 -11.59
C GLN B 27 -1.00 -7.24 -11.85
N ASN B 28 -1.12 -8.52 -11.51
CA ASN B 28 -2.43 -9.14 -11.42
C ASN B 28 -3.29 -8.38 -10.43
N ILE B 29 -4.50 -8.00 -10.83
CA ILE B 29 -5.36 -7.22 -9.96
C ILE B 29 -6.62 -7.99 -9.62
N VAL B 30 -6.50 -9.32 -9.60
CA VAL B 30 -7.50 -10.20 -8.99
C VAL B 30 -7.28 -10.20 -7.48
N HIS B 31 -8.32 -9.82 -6.73
CA HIS B 31 -8.18 -9.59 -5.30
C HIS B 31 -8.19 -10.91 -4.52
N TYR B 32 -7.78 -10.82 -3.25
CA TYR B 32 -7.78 -11.99 -2.38
C TYR B 32 -9.16 -12.62 -2.27
N ASN B 33 -10.22 -11.83 -2.38
CA ASN B 33 -11.57 -12.36 -2.27
C ASN B 33 -12.10 -12.94 -3.58
N GLY B 34 -11.29 -12.98 -4.63
CA GLY B 34 -11.68 -13.56 -5.88
C GLY B 34 -12.24 -12.59 -6.90
N ASN B 35 -12.67 -11.41 -6.47
CA ASN B 35 -13.13 -10.40 -7.41
C ASN B 35 -11.95 -9.70 -8.07
N THR B 36 -12.17 -9.23 -9.29
CA THR B 36 -11.21 -8.38 -9.99
C THR B 36 -11.76 -6.95 -9.98
N TYR B 37 -11.05 -6.04 -9.30
CA TYR B 37 -11.54 -4.69 -9.12
C TYR B 37 -10.90 -3.79 -10.17
N LEU B 38 -11.40 -3.91 -11.39
CA LEU B 38 -11.15 -2.93 -12.45
C LEU B 38 -12.46 -2.24 -12.79
N GLU B 39 -12.44 -0.92 -12.79
CA GLU B 39 -13.58 -0.11 -13.15
C GLU B 39 -13.21 0.78 -14.32
N TRP B 40 -14.24 1.22 -15.04
CA TRP B 40 -14.09 2.19 -16.12
C TRP B 40 -14.91 3.41 -15.76
N TYR B 41 -14.26 4.57 -15.78
CA TYR B 41 -14.91 5.84 -15.46
C TYR B 41 -14.91 6.74 -16.68
N LEU B 42 -15.96 7.55 -16.80
CA LEU B 42 -16.08 8.55 -17.85
C LEU B 42 -16.20 9.92 -17.22
N GLN B 43 -15.39 10.86 -17.68
CA GLN B 43 -15.46 12.26 -17.24
C GLN B 43 -15.77 13.10 -18.49
N LYS B 44 -17.02 13.55 -18.61
CA LYS B 44 -17.39 14.41 -19.71
C LYS B 44 -16.83 15.81 -19.47
N PRO B 45 -16.65 16.61 -20.53
CA PRO B 45 -16.04 17.93 -20.35
C PRO B 45 -16.82 18.77 -19.36
N GLY B 46 -16.11 19.33 -18.39
CA GLY B 46 -16.72 20.18 -17.40
C GLY B 46 -17.53 19.46 -16.35
N GLN B 47 -17.52 18.13 -16.34
CA GLN B 47 -18.31 17.34 -15.41
C GLN B 47 -17.40 16.58 -14.47
N SER B 48 -17.98 16.09 -13.37
CA SER B 48 -17.27 15.18 -12.48
C SER B 48 -17.32 13.76 -13.04
N PRO B 49 -16.35 12.92 -12.70
CA PRO B 49 -16.34 11.56 -13.25
C PRO B 49 -17.58 10.78 -12.85
N LYS B 50 -17.89 9.75 -13.65
CA LYS B 50 -19.00 8.86 -13.39
C LYS B 50 -18.57 7.43 -13.68
N LEU B 51 -19.15 6.49 -12.92
CA LEU B 51 -18.78 5.08 -12.98
C LEU B 51 -19.61 4.38 -14.04
N LEU B 52 -18.93 3.78 -15.02
CA LEU B 52 -19.58 3.06 -16.11
C LEU B 52 -19.58 1.55 -15.91
N ILE B 53 -18.41 0.96 -15.82
CA ILE B 53 -18.34 -0.45 -15.75
C ILE B 53 -17.66 -0.79 -14.48
N TYR B 54 -18.08 -1.84 -13.80
CA TYR B 54 -17.45 -2.25 -12.55
C TYR B 54 -17.14 -3.77 -12.56
N GLN B 55 -16.07 -4.17 -11.90
CA GLN B 55 -15.63 -5.55 -11.74
C GLN B 55 -15.45 -6.18 -13.08
N VAL B 56 -14.68 -5.52 -13.92
CA VAL B 56 -14.36 -5.88 -15.29
C VAL B 56 -15.46 -5.74 -16.30
N SER B 57 -16.58 -6.41 -16.15
CA SER B 57 -17.63 -6.42 -17.10
C SER B 57 -19.04 -6.08 -16.69
N ASN B 58 -19.26 -5.50 -15.54
CA ASN B 58 -20.60 -5.22 -15.14
C ASN B 58 -20.95 -3.76 -15.29
N ARG B 59 -22.08 -3.47 -15.92
CA ARG B 59 -22.48 -2.12 -16.10
C ARG B 59 -23.00 -1.57 -14.83
N PHE B 60 -22.75 -0.31 -14.55
CA PHE B 60 -23.26 0.34 -13.32
C PHE B 60 -24.69 0.80 -13.61
N SER B 61 -25.44 1.17 -12.59
CA SER B 61 -26.82 1.65 -12.71
C SER B 61 -26.95 2.69 -13.81
N GLY B 62 -27.89 2.46 -14.73
CA GLY B 62 -28.22 3.43 -15.75
C GLY B 62 -27.22 3.56 -16.87
N VAL B 63 -26.44 2.53 -17.15
CA VAL B 63 -25.41 2.56 -18.18
C VAL B 63 -25.90 1.72 -19.34
N PRO B 64 -26.02 2.27 -20.56
CA PRO B 64 -26.70 1.55 -21.63
C PRO B 64 -25.91 0.36 -22.15
N ASP B 65 -26.65 -0.51 -22.86
CA ASP B 65 -26.09 -1.76 -23.36
C ASP B 65 -24.80 -1.56 -24.15
N ARG B 66 -24.67 -0.43 -24.86
CA ARG B 66 -23.57 -0.30 -25.81
C ARG B 66 -22.22 -0.16 -25.12
N PHE B 67 -22.18 0.00 -23.80
CA PHE B 67 -20.93 -0.02 -23.06
C PHE B 67 -20.67 -1.44 -22.56
N SER B 68 -19.48 -1.96 -22.87
CA SER B 68 -19.13 -3.32 -22.52
C SER B 68 -17.68 -3.39 -22.04
N GLY B 69 -17.41 -4.14 -20.99
CA GLY B 69 -16.08 -4.32 -20.43
C GLY B 69 -15.69 -5.77 -20.48
N SER B 70 -14.45 -6.09 -20.82
CA SER B 70 -13.97 -7.48 -20.87
C SER B 70 -12.54 -7.54 -20.40
N GLY B 71 -12.11 -8.72 -20.01
CA GLY B 71 -10.74 -8.95 -19.57
C GLY B 71 -10.59 -9.95 -18.47
N SER B 72 -9.35 -10.29 -18.18
CA SER B 72 -8.93 -11.27 -17.18
C SER B 72 -7.52 -10.97 -16.69
N GLY B 73 -7.24 -11.03 -15.40
CA GLY B 73 -5.90 -10.90 -14.83
C GLY B 73 -5.34 -9.51 -14.91
N THR B 74 -4.64 -9.18 -15.96
CA THR B 74 -4.01 -7.88 -16.19
C THR B 74 -4.45 -7.18 -17.48
N ASP B 75 -5.26 -7.80 -18.33
CA ASP B 75 -5.59 -7.26 -19.67
C ASP B 75 -7.06 -6.92 -19.74
N PHE B 76 -7.45 -5.67 -19.98
CA PHE B 76 -8.85 -5.21 -19.89
C PHE B 76 -9.20 -4.36 -21.10
N THR B 77 -10.43 -4.47 -21.58
CA THR B 77 -10.88 -3.72 -22.74
C THR B 77 -12.24 -3.07 -22.46
N LEU B 78 -12.42 -1.81 -22.78
CA LEU B 78 -13.73 -1.17 -22.79
C LEU B 78 -14.17 -0.98 -24.23
N LYS B 79 -15.44 -1.27 -24.50
CA LYS B 79 -16.00 -1.12 -25.84
C LYS B 79 -17.28 -0.30 -25.78
N ILE B 80 -17.38 0.67 -26.69
CA ILE B 80 -18.62 1.43 -26.91
C ILE B 80 -19.13 1.03 -28.29
N SER B 81 -20.32 0.43 -28.33
CA SER B 81 -20.77 -0.26 -29.55
C SER B 81 -21.09 0.73 -30.67
N ARG B 82 -21.95 1.72 -30.39
CA ARG B 82 -22.42 2.67 -31.40
C ARG B 82 -22.21 4.07 -30.82
N VAL B 83 -21.00 4.59 -31.02
CA VAL B 83 -20.64 5.86 -30.38
C VAL B 83 -21.65 6.94 -30.74
N GLU B 84 -22.01 7.75 -29.75
CA GLU B 84 -22.87 8.90 -29.93
C GLU B 84 -22.12 10.14 -29.48
N ALA B 85 -22.62 11.30 -29.92
CA ALA B 85 -21.96 12.55 -29.57
C ALA B 85 -21.91 12.75 -28.05
N GLU B 86 -22.93 12.28 -27.33
CA GLU B 86 -22.96 12.44 -25.88
C GLU B 86 -21.97 11.51 -25.18
N ASP B 87 -21.32 10.61 -25.89
CA ASP B 87 -20.28 9.77 -25.33
C ASP B 87 -18.91 10.44 -25.31
N LEU B 88 -18.82 11.69 -25.78
CA LEU B 88 -17.55 12.39 -25.81
C LEU B 88 -17.06 12.70 -24.39
N GLY B 89 -15.77 12.48 -24.18
CA GLY B 89 -15.19 12.68 -22.86
C GLY B 89 -13.91 11.87 -22.75
N VAL B 90 -13.40 11.81 -21.53
CA VAL B 90 -12.17 11.09 -21.21
C VAL B 90 -12.53 9.85 -20.41
N TYR B 91 -12.09 8.69 -20.89
CA TYR B 91 -12.37 7.41 -20.25
C TYR B 91 -11.15 6.96 -19.47
N TYR B 92 -11.34 6.49 -18.25
CA TYR B 92 -10.27 6.09 -17.41
C TYR B 92 -10.47 4.70 -16.86
N CYS B 93 -9.46 3.88 -16.89
CA CYS B 93 -9.53 2.62 -16.23
C CYS B 93 -9.04 2.82 -14.80
N PHE B 94 -9.39 1.93 -13.92
CA PHE B 94 -9.01 2.06 -12.56
C PHE B 94 -8.93 0.71 -11.83
N GLN B 95 -7.86 0.47 -11.12
CA GLN B 95 -7.73 -0.72 -10.29
C GLN B 95 -7.90 -0.32 -8.84
N GLY B 96 -8.67 -1.13 -8.11
CA GLY B 96 -8.88 -0.91 -6.69
C GLY B 96 -8.55 -2.13 -5.87
N SER B 97 -7.88 -3.12 -6.49
CA SER B 97 -7.52 -4.32 -5.75
C SER B 97 -6.36 -4.07 -4.80
N HIS B 98 -5.45 -3.16 -5.16
CA HIS B 98 -4.32 -2.82 -4.31
C HIS B 98 -4.42 -1.36 -3.88
N VAL B 99 -4.26 -1.11 -2.59
CA VAL B 99 -4.05 0.26 -2.11
C VAL B 99 -2.57 0.60 -2.30
N PRO B 100 -2.23 1.78 -2.85
CA PRO B 100 -3.12 2.83 -3.33
C PRO B 100 -3.85 2.48 -4.62
N PHE B 101 -5.14 2.79 -4.70
CA PHE B 101 -5.85 2.72 -5.96
C PHE B 101 -5.12 3.54 -6.99
N THR B 102 -5.28 3.18 -8.27
CA THR B 102 -4.60 3.89 -9.34
C THR B 102 -5.52 4.01 -10.55
N PHE B 103 -5.44 5.16 -11.20
CA PHE B 103 -6.18 5.46 -12.41
C PHE B 103 -5.24 5.32 -13.61
N GLY B 104 -5.83 5.02 -14.76
CA GLY B 104 -5.09 5.01 -16.00
C GLY B 104 -4.82 6.40 -16.53
N SER B 105 -4.09 6.45 -17.64
CA SER B 105 -3.74 7.71 -18.28
C SER B 105 -4.98 8.53 -18.61
N GLY B 106 -6.07 7.85 -18.98
CA GLY B 106 -7.20 8.52 -19.58
C GLY B 106 -7.13 8.44 -21.10
N THR B 107 -8.23 8.06 -21.72
CA THR B 107 -8.34 8.00 -23.18
C THR B 107 -9.36 9.04 -23.63
N LYS B 108 -8.90 10.04 -24.37
CA LYS B 108 -9.79 11.06 -24.89
C LYS B 108 -10.50 10.53 -26.13
N LEU B 109 -11.82 10.46 -26.08
CA LEU B 109 -12.61 10.06 -27.24
C LEU B 109 -12.81 11.27 -28.14
N GLU B 110 -12.29 11.20 -29.36
CA GLU B 110 -12.43 12.26 -30.35
C GLU B 110 -13.43 11.82 -31.41
N ILE B 111 -14.36 12.70 -31.76
CA ILE B 111 -15.36 12.39 -32.77
C ILE B 111 -14.72 12.61 -34.15
N LYS B 112 -14.76 11.58 -34.99
CA LYS B 112 -14.25 11.69 -36.35
C LYS B 112 -15.32 12.29 -37.25
N ARG B 113 -14.99 13.38 -37.94
CA ARG B 113 -15.90 14.05 -38.85
C ARG B 113 -15.21 14.22 -40.20
N THR B 114 -15.95 14.74 -41.17
CA THR B 114 -15.35 15.02 -42.48
C THR B 114 -14.27 16.09 -42.33
N VAL B 115 -13.32 16.07 -43.27
CA VAL B 115 -12.26 17.06 -43.25
C VAL B 115 -12.87 18.46 -43.36
N ALA B 116 -12.24 19.42 -42.69
CA ALA B 116 -12.67 20.81 -42.71
C ALA B 116 -11.42 21.68 -42.71
N ALA B 117 -11.17 22.36 -43.82
CA ALA B 117 -10.06 23.27 -43.87
C ALA B 117 -10.31 24.48 -42.98
N PRO B 118 -9.26 25.06 -42.39
CA PRO B 118 -9.45 26.25 -41.57
C PRO B 118 -9.62 27.50 -42.42
N SER B 119 -10.31 28.47 -41.83
CA SER B 119 -10.24 29.86 -42.29
C SER B 119 -9.15 30.55 -41.49
N VAL B 120 -8.22 31.19 -42.17
CA VAL B 120 -7.09 31.83 -41.53
C VAL B 120 -7.34 33.33 -41.45
N PHE B 121 -7.10 33.91 -40.29
CA PHE B 121 -7.16 35.35 -40.08
C PHE B 121 -5.88 35.78 -39.37
N ILE B 122 -5.40 36.97 -39.70
CA ILE B 122 -4.20 37.54 -39.08
C ILE B 122 -4.56 38.89 -38.48
N PHE B 123 -3.99 39.17 -37.31
CA PHE B 123 -4.26 40.40 -36.58
C PHE B 123 -2.96 41.13 -36.30
N PRO B 124 -2.82 42.39 -36.68
CA PRO B 124 -1.62 43.15 -36.33
C PRO B 124 -1.65 43.56 -34.87
N PRO B 125 -0.51 43.88 -34.27
CA PRO B 125 -0.50 44.26 -32.86
C PRO B 125 -1.34 45.51 -32.60
N SER B 126 -1.91 45.58 -31.40
CA SER B 126 -2.62 46.76 -30.96
C SER B 126 -1.76 48.00 -31.18
N ASP B 127 -2.41 49.12 -31.51
CA ASP B 127 -1.72 50.40 -31.38
C ASP B 127 -1.55 50.75 -29.90
N GLU B 128 -2.53 50.37 -29.08
CA GLU B 128 -2.43 50.57 -27.64
C GLU B 128 -1.32 49.71 -27.04
N GLN B 129 -1.24 48.44 -27.46
CA GLN B 129 -0.18 47.58 -26.93
C GLN B 129 1.20 48.10 -27.32
N LEU B 130 1.34 48.66 -28.52
CA LEU B 130 2.65 49.05 -28.99
C LEU B 130 3.28 50.14 -28.13
N LYS B 131 2.48 51.00 -27.52
CA LYS B 131 3.06 51.98 -26.61
C LYS B 131 3.66 51.29 -25.39
N SER B 132 3.01 50.23 -24.90
CA SER B 132 3.55 49.50 -23.76
C SER B 132 4.99 49.08 -24.02
N GLY B 133 5.26 48.51 -25.19
CA GLY B 133 6.61 48.08 -25.52
C GLY B 133 6.67 46.77 -26.27
N THR B 134 5.65 45.93 -26.11
CA THR B 134 5.59 44.63 -26.77
C THR B 134 4.68 44.69 -27.99
N ALA B 135 4.86 43.72 -28.88
CA ALA B 135 4.07 43.59 -30.09
C ALA B 135 3.63 42.14 -30.23
N SER B 136 2.32 41.91 -30.21
CA SER B 136 1.75 40.57 -30.35
C SER B 136 1.04 40.47 -31.69
N VAL B 137 1.43 39.50 -32.50
CA VAL B 137 0.82 39.23 -33.80
C VAL B 137 0.10 37.89 -33.69
N VAL B 138 -1.22 37.91 -33.84
CA VAL B 138 -2.06 36.72 -33.67
C VAL B 138 -2.52 36.23 -35.03
N CYS B 139 -2.31 34.95 -35.30
CA CYS B 139 -2.84 34.27 -36.46
C CYS B 139 -3.85 33.23 -36.00
N LEU B 140 -5.07 33.30 -36.55
CA LEU B 140 -6.16 32.44 -36.14
C LEU B 140 -6.47 31.40 -37.22
N LEU B 141 -6.67 30.15 -36.79
CA LEU B 141 -7.18 29.08 -37.63
C LEU B 141 -8.51 28.64 -37.04
N ASN B 142 -9.58 28.81 -37.80
CA ASN B 142 -10.92 28.65 -37.22
C ASN B 142 -11.67 27.49 -37.86
N ASN B 143 -12.41 26.70 -37.08
CA ASN B 143 -13.30 25.59 -37.45
C ASN B 143 -12.69 24.60 -38.42
N PHE B 144 -11.63 23.93 -38.05
CA PHE B 144 -11.02 22.92 -38.91
C PHE B 144 -10.97 21.56 -38.25
N TYR B 145 -10.79 20.57 -39.06
CA TYR B 145 -10.62 19.20 -38.62
C TYR B 145 -9.95 18.42 -39.74
N PRO B 146 -8.96 17.56 -39.46
CA PRO B 146 -8.44 17.18 -38.14
C PRO B 146 -7.56 18.24 -37.49
N ARG B 147 -7.08 17.97 -36.27
CA ARG B 147 -6.38 18.96 -35.47
C ARG B 147 -4.95 19.19 -35.92
N GLU B 148 -4.35 18.26 -36.66
CA GLU B 148 -2.98 18.46 -37.11
C GLU B 148 -2.90 19.63 -38.06
N ALA B 149 -2.10 20.64 -37.70
CA ALA B 149 -1.94 21.83 -38.52
C ALA B 149 -0.55 22.42 -38.30
N LYS B 150 0.05 22.91 -39.37
CA LYS B 150 1.36 23.55 -39.32
C LYS B 150 1.19 25.06 -39.40
N VAL B 151 1.71 25.76 -38.40
CA VAL B 151 1.72 27.22 -38.36
C VAL B 151 3.17 27.68 -38.51
N GLN B 152 3.41 28.60 -39.44
CA GLN B 152 4.75 29.13 -39.66
C GLN B 152 4.68 30.63 -39.91
N TRP B 153 5.42 31.38 -39.11
CA TRP B 153 5.53 32.82 -39.27
C TRP B 153 6.69 33.16 -40.18
N LYS B 154 6.46 34.11 -41.09
CA LYS B 154 7.49 34.58 -42.01
C LYS B 154 7.57 36.09 -41.89
N VAL B 155 8.67 36.59 -41.31
CA VAL B 155 8.92 38.01 -41.15
C VAL B 155 9.82 38.45 -42.29
N ASP B 156 9.29 39.25 -43.21
CA ASP B 156 10.03 39.66 -44.40
C ASP B 156 10.66 38.45 -45.08
N ASN B 157 9.83 37.42 -45.28
CA ASN B 157 10.20 36.16 -45.93
C ASN B 157 11.12 35.30 -45.09
N ALA B 158 11.51 35.75 -43.89
CA ALA B 158 12.41 35.01 -43.03
C ALA B 158 11.60 34.20 -42.03
N LEU B 159 11.81 32.89 -42.02
CA LEU B 159 11.08 32.01 -41.11
C LEU B 159 11.42 32.37 -39.67
N GLN B 160 10.64 31.81 -38.74
CA GLN B 160 10.80 32.11 -37.33
C GLN B 160 10.73 30.83 -36.51
N SER B 161 11.34 30.89 -35.32
CA SER B 161 11.28 29.79 -34.37
C SER B 161 11.62 30.34 -33.00
N GLY B 162 11.12 29.66 -31.96
CA GLY B 162 11.28 30.16 -30.61
C GLY B 162 10.57 31.46 -30.38
N ASN B 163 9.75 31.90 -31.32
CA ASN B 163 9.07 33.17 -31.28
C ASN B 163 7.57 33.05 -31.08
N SER B 164 7.00 31.84 -31.24
CA SER B 164 5.57 31.65 -31.28
C SER B 164 5.09 30.83 -30.09
N GLN B 165 3.78 30.90 -29.86
CA GLN B 165 3.11 30.07 -28.87
C GLN B 165 1.71 29.78 -29.39
N GLU B 166 1.36 28.50 -29.42
CA GLU B 166 0.09 28.05 -29.97
C GLU B 166 -0.89 27.70 -28.85
N SER B 167 -2.18 27.77 -29.18
CA SER B 167 -3.24 27.34 -28.28
C SER B 167 -4.37 26.78 -29.13
N VAL B 168 -4.94 25.67 -28.70
CA VAL B 168 -5.96 24.95 -29.47
C VAL B 168 -7.16 24.69 -28.58
N THR B 169 -8.35 24.93 -29.11
CA THR B 169 -9.56 24.67 -28.35
C THR B 169 -9.78 23.17 -28.21
N GLU B 170 -10.54 22.80 -27.18
CA GLU B 170 -11.06 21.44 -27.11
C GLU B 170 -12.01 21.22 -28.29
N GLN B 171 -12.11 19.97 -28.73
CA GLN B 171 -13.00 19.67 -29.84
C GLN B 171 -14.41 20.12 -29.53
N ASP B 172 -15.01 20.87 -30.44
CA ASP B 172 -16.37 21.35 -30.23
C ASP B 172 -17.32 20.17 -30.09
N SER B 173 -18.20 20.24 -29.09
CA SER B 173 -19.14 19.15 -28.85
C SER B 173 -20.21 19.07 -29.93
N LYS B 174 -20.44 20.15 -30.69
CA LYS B 174 -21.51 20.19 -31.68
C LYS B 174 -21.02 19.90 -33.09
N ASP B 175 -20.05 20.66 -33.58
CA ASP B 175 -19.54 20.49 -34.93
C ASP B 175 -18.22 19.72 -34.98
N SER B 176 -17.64 19.39 -33.83
CA SER B 176 -16.46 18.53 -33.75
C SER B 176 -15.24 19.14 -34.42
N THR B 177 -15.20 20.46 -34.60
CA THR B 177 -14.03 21.11 -35.18
C THR B 177 -13.14 21.69 -34.09
N TYR B 178 -11.92 22.03 -34.49
CA TYR B 178 -10.96 22.72 -33.64
C TYR B 178 -10.75 24.13 -34.17
N SER B 179 -10.29 25.00 -33.28
CA SER B 179 -9.79 26.33 -33.65
C SER B 179 -8.48 26.54 -32.92
N LEU B 180 -7.57 27.29 -33.56
CA LEU B 180 -6.21 27.41 -33.08
C LEU B 180 -5.72 28.84 -33.24
N SER B 181 -4.97 29.31 -32.25
CA SER B 181 -4.33 30.61 -32.29
C SER B 181 -2.82 30.43 -32.18
N SER B 182 -2.09 31.23 -32.94
CA SER B 182 -0.64 31.30 -32.86
C SER B 182 -0.25 32.76 -32.63
N THR B 183 0.40 33.04 -31.50
CA THR B 183 0.79 34.39 -31.14
C THR B 183 2.30 34.55 -31.32
N LEU B 184 2.70 35.53 -32.12
CA LEU B 184 4.09 35.89 -32.32
C LEU B 184 4.37 37.12 -31.46
N THR B 185 5.07 36.92 -30.34
CA THR B 185 5.43 38.01 -29.46
C THR B 185 6.78 38.59 -29.88
N LEU B 186 6.90 39.91 -29.81
CA LEU B 186 8.12 40.59 -30.22
C LEU B 186 8.17 41.97 -29.57
N SER B 187 9.38 42.47 -29.39
CA SER B 187 9.54 43.82 -28.89
C SER B 187 9.09 44.82 -29.94
N LYS B 188 8.75 46.02 -29.46
CA LYS B 188 8.41 47.09 -30.40
C LYS B 188 9.60 47.42 -31.28
N ALA B 189 10.80 47.46 -30.70
CA ALA B 189 12.00 47.69 -31.50
C ALA B 189 12.09 46.71 -32.66
N ASP B 190 11.98 45.41 -32.37
CA ASP B 190 12.04 44.41 -33.43
C ASP B 190 10.88 44.55 -34.40
N TYR B 191 9.68 44.80 -33.88
CA TYR B 191 8.50 44.87 -34.74
C TYR B 191 8.63 46.00 -35.77
N GLU B 192 9.14 47.16 -35.35
CA GLU B 192 9.28 48.28 -36.27
C GLU B 192 10.49 48.15 -37.19
N LYS B 193 11.38 47.19 -36.92
CA LYS B 193 12.52 46.98 -37.82
C LYS B 193 12.08 46.40 -39.16
N HIS B 194 11.05 45.57 -39.16
CA HIS B 194 10.61 44.85 -40.35
C HIS B 194 9.25 45.33 -40.81
N LYS B 195 8.86 44.88 -42.01
CA LYS B 195 7.67 45.39 -42.69
C LYS B 195 6.58 44.33 -42.82
N VAL B 196 6.87 43.22 -43.48
CA VAL B 196 5.86 42.22 -43.79
C VAL B 196 5.79 41.20 -42.65
N TYR B 197 4.56 40.79 -42.34
CA TYR B 197 4.30 39.79 -41.31
C TYR B 197 3.24 38.83 -41.82
N ALA B 198 3.57 37.55 -41.89
CA ALA B 198 2.69 36.56 -42.49
C ALA B 198 2.76 35.24 -41.73
N CYS B 199 1.62 34.57 -41.63
CA CYS B 199 1.54 33.21 -41.10
C CYS B 199 1.11 32.27 -42.22
N GLU B 200 1.87 31.19 -42.39
CA GLU B 200 1.62 30.19 -43.43
C GLU B 200 1.03 28.95 -42.78
N VAL B 201 -0.16 28.56 -43.23
CA VAL B 201 -0.90 27.45 -42.63
C VAL B 201 -0.89 26.28 -43.60
N THR B 202 -0.58 25.08 -43.07
CA THR B 202 -0.64 23.84 -43.83
C THR B 202 -1.68 22.94 -43.19
N HIS B 203 -2.53 22.32 -44.00
CA HIS B 203 -3.58 21.47 -43.48
C HIS B 203 -4.09 20.54 -44.56
N GLN B 204 -4.51 19.35 -44.13
CA GLN B 204 -5.02 18.34 -45.07
C GLN B 204 -6.10 18.91 -45.97
N GLY B 205 -7.06 19.63 -45.38
CA GLY B 205 -8.17 20.16 -46.14
C GLY B 205 -7.78 21.21 -47.16
N LEU B 206 -6.63 21.85 -47.00
CA LEU B 206 -6.21 22.91 -47.90
C LEU B 206 -5.53 22.33 -49.13
N SER B 207 -5.92 22.83 -50.31
CA SER B 207 -5.24 22.45 -51.54
C SER B 207 -3.74 22.63 -51.40
N SER B 208 -3.31 23.84 -51.03
CA SER B 208 -1.91 24.18 -50.82
C SER B 208 -1.80 25.07 -49.60
N PRO B 209 -0.60 25.29 -49.07
CA PRO B 209 -0.48 26.14 -47.87
C PRO B 209 -1.03 27.53 -48.12
N VAL B 210 -1.90 27.97 -47.20
CA VAL B 210 -2.49 29.30 -47.25
C VAL B 210 -1.63 30.25 -46.44
N THR B 211 -1.46 31.46 -46.95
CA THR B 211 -0.69 32.50 -46.27
C THR B 211 -1.53 33.77 -46.17
N LYS B 212 -1.48 34.40 -45.01
CA LYS B 212 -2.18 35.66 -44.78
C LYS B 212 -1.20 36.65 -44.19
N SER B 213 -1.30 37.90 -44.64
CA SER B 213 -0.23 38.87 -44.43
C SER B 213 -0.81 40.24 -44.12
N PHE B 214 0.05 41.09 -43.57
CA PHE B 214 -0.20 42.52 -43.50
C PHE B 214 1.15 43.22 -43.54
N ASN B 215 1.13 44.48 -43.96
CA ASN B 215 2.33 45.32 -43.97
C ASN B 215 2.25 46.29 -42.81
N ARG B 216 3.32 46.34 -42.01
CA ARG B 216 3.34 47.21 -40.84
C ARG B 216 3.04 48.65 -41.25
N GLY B 217 2.00 49.22 -40.66
CA GLY B 217 1.51 50.53 -41.06
C GLY B 217 1.06 50.54 -42.51
N GLN C 1 -16.68 -34.57 10.23
CA GLN C 1 -15.50 -34.65 11.14
C GLN C 1 -14.22 -34.31 10.37
N VAL C 2 -14.01 -33.02 10.11
CA VAL C 2 -12.90 -32.60 9.28
C VAL C 2 -11.59 -32.94 9.96
N GLN C 3 -10.63 -33.42 9.18
CA GLN C 3 -9.31 -33.77 9.68
C GLN C 3 -8.28 -33.54 8.59
N LEU C 4 -7.14 -32.97 8.97
CA LEU C 4 -6.02 -32.74 8.08
C LEU C 4 -4.78 -33.35 8.73
N VAL C 5 -4.25 -34.41 8.12
CA VAL C 5 -3.13 -35.16 8.69
C VAL C 5 -1.93 -34.99 7.76
N GLN C 6 -0.83 -34.49 8.30
CA GLN C 6 0.35 -34.19 7.52
C GLN C 6 1.42 -35.25 7.73
N SER C 7 2.36 -35.30 6.80
CA SER C 7 3.47 -36.23 6.88
C SER C 7 4.37 -35.85 8.05
N GLY C 8 5.35 -36.72 8.32
CA GLY C 8 6.21 -36.57 9.47
C GLY C 8 7.33 -35.58 9.24
N ALA C 9 8.09 -35.35 10.30
CA ALA C 9 9.18 -34.37 10.27
C ALA C 9 10.21 -34.77 9.21
N GLU C 10 10.97 -33.78 8.76
CA GLU C 10 11.97 -33.97 7.72
C GLU C 10 13.25 -33.25 8.11
N VAL C 11 14.35 -33.69 7.52
CA VAL C 11 15.66 -33.04 7.68
C VAL C 11 16.32 -33.02 6.31
N LYS C 12 16.67 -31.84 5.84
CA LYS C 12 17.15 -31.66 4.47
C LYS C 12 18.40 -30.79 4.48
N LYS C 13 19.22 -30.96 3.45
CA LYS C 13 20.41 -30.16 3.31
C LYS C 13 20.12 -28.91 2.46
N PRO C 14 20.88 -27.84 2.65
CA PRO C 14 20.65 -26.64 1.82
C PRO C 14 20.74 -26.97 0.34
N GLY C 15 19.91 -26.30 -0.45
CA GLY C 15 19.80 -26.58 -1.86
C GLY C 15 18.92 -27.76 -2.21
N ALA C 16 18.53 -28.56 -1.22
CA ALA C 16 17.67 -29.70 -1.48
C ALA C 16 16.22 -29.21 -1.60
N SER C 17 15.28 -30.15 -1.60
CA SER C 17 13.87 -29.83 -1.62
C SER C 17 13.14 -30.76 -0.64
N VAL C 18 11.95 -30.34 -0.23
CA VAL C 18 11.12 -31.12 0.68
C VAL C 18 9.70 -31.11 0.14
N LYS C 19 9.01 -32.24 0.27
CA LYS C 19 7.64 -32.38 -0.17
C LYS C 19 6.79 -32.80 1.03
N VAL C 20 5.90 -31.90 1.47
CA VAL C 20 5.01 -32.15 2.58
C VAL C 20 3.64 -32.52 2.01
N SER C 21 2.96 -33.46 2.66
CA SER C 21 1.62 -33.86 2.26
C SER C 21 0.61 -33.44 3.32
N CYS C 22 -0.64 -33.33 2.89
CA CYS C 22 -1.75 -33.00 3.77
C CYS C 22 -2.96 -33.80 3.31
N LYS C 23 -3.31 -34.85 4.06
CA LYS C 23 -4.46 -35.67 3.74
C LYS C 23 -5.69 -35.13 4.42
N ALA C 24 -6.75 -34.89 3.65
CA ALA C 24 -7.99 -34.33 4.16
C ALA C 24 -9.03 -35.43 4.33
N SER C 25 -9.91 -35.23 5.31
CA SER C 25 -10.96 -36.19 5.62
C SER C 25 -12.17 -35.45 6.16
N GLY C 26 -13.35 -36.01 5.91
CA GLY C 26 -14.58 -35.50 6.51
C GLY C 26 -15.28 -34.43 5.74
N TYR C 27 -14.93 -34.22 4.47
CA TYR C 27 -15.62 -33.24 3.64
C TYR C 27 -15.19 -33.47 2.20
N THR C 28 -15.89 -32.81 1.29
CA THR C 28 -15.55 -32.90 -0.13
C THR C 28 -14.24 -32.16 -0.38
N PHE C 29 -13.16 -32.92 -0.63
CA PHE C 29 -11.85 -32.32 -0.84
C PHE C 29 -11.89 -31.19 -1.86
N THR C 30 -12.62 -31.37 -2.96
CA THR C 30 -12.59 -30.41 -4.06
C THR C 30 -13.36 -29.13 -3.77
N GLY C 31 -14.08 -29.06 -2.65
CA GLY C 31 -14.95 -27.93 -2.37
C GLY C 31 -14.37 -26.84 -1.50
N TYR C 32 -13.08 -26.92 -1.17
CA TYR C 32 -12.46 -25.93 -0.30
C TYR C 32 -11.00 -25.77 -0.70
N TYR C 33 -10.57 -24.52 -0.87
CA TYR C 33 -9.16 -24.27 -1.13
C TYR C 33 -8.32 -24.82 0.03
N MET C 34 -7.09 -25.19 -0.27
CA MET C 34 -6.12 -25.63 0.73
C MET C 34 -4.97 -24.64 0.75
N HIS C 35 -4.73 -24.04 1.91
CA HIS C 35 -3.67 -23.07 2.09
C HIS C 35 -2.50 -23.71 2.82
N TRP C 36 -1.35 -23.05 2.74
CA TRP C 36 -0.15 -23.50 3.42
C TRP C 36 0.45 -22.31 4.18
N VAL C 37 0.78 -22.54 5.44
CA VAL C 37 1.35 -21.51 6.31
C VAL C 37 2.50 -22.14 7.07
N ARG C 38 3.60 -21.41 7.21
CA ARG C 38 4.73 -21.89 7.97
C ARG C 38 5.01 -20.95 9.14
N GLN C 39 5.94 -21.37 9.99
CA GLN C 39 6.24 -20.65 11.21
C GLN C 39 7.65 -21.03 11.64
N ALA C 40 8.61 -20.14 11.40
CA ALA C 40 9.98 -20.39 11.82
C ALA C 40 10.03 -20.45 13.34
N PRO C 41 10.97 -21.20 13.92
CA PRO C 41 11.02 -21.35 15.37
C PRO C 41 10.99 -20.01 16.10
N GLY C 42 10.01 -19.84 16.99
CA GLY C 42 9.90 -18.60 17.73
C GLY C 42 9.49 -17.38 16.94
N GLN C 43 8.90 -17.57 15.76
CA GLN C 43 8.52 -16.46 14.89
C GLN C 43 7.01 -16.49 14.63
N GLY C 44 6.55 -15.52 13.86
CA GLY C 44 5.14 -15.38 13.57
C GLY C 44 4.70 -16.31 12.45
N LEU C 45 3.46 -16.12 12.02
CA LEU C 45 2.87 -16.92 10.96
C LEU C 45 3.15 -16.30 9.61
N GLU C 46 3.36 -17.15 8.60
CA GLU C 46 3.77 -16.72 7.27
C GLU C 46 3.02 -17.52 6.22
N TRP C 47 2.17 -16.85 5.45
CA TRP C 47 1.39 -17.52 4.40
C TRP C 47 2.27 -17.80 3.19
N MET C 48 2.07 -18.97 2.60
CA MET C 48 2.87 -19.41 1.46
C MET C 48 2.10 -19.51 0.16
N GLY C 49 0.82 -19.87 0.21
CA GLY C 49 0.01 -19.98 -1.00
C GLY C 49 -1.22 -20.80 -0.73
N TRP C 50 -2.10 -20.80 -1.72
CA TRP C 50 -3.25 -21.70 -1.73
C TRP C 50 -3.29 -22.44 -3.05
N ILE C 51 -4.05 -23.53 -3.06
CA ILE C 51 -4.35 -24.28 -4.28
C ILE C 51 -5.84 -24.55 -4.29
N ASN C 52 -6.45 -24.40 -5.46
CA ASN C 52 -7.84 -24.79 -5.66
C ASN C 52 -7.88 -26.28 -5.98
N PRO C 53 -8.23 -27.14 -5.03
CA PRO C 53 -8.13 -28.59 -5.30
C PRO C 53 -9.03 -29.09 -6.41
N ASN C 54 -9.98 -28.26 -6.89
CA ASN C 54 -10.86 -28.69 -7.96
C ASN C 54 -10.30 -28.40 -9.34
N SER C 55 -9.42 -27.39 -9.46
CA SER C 55 -8.80 -27.05 -10.74
C SER C 55 -7.30 -27.22 -10.75
N GLY C 56 -6.64 -27.18 -9.60
CA GLY C 56 -5.20 -27.17 -9.56
C GLY C 56 -4.57 -25.80 -9.72
N GLY C 57 -5.39 -24.76 -9.88
CA GLY C 57 -4.86 -23.41 -9.87
C GLY C 57 -4.26 -23.07 -8.52
N THR C 58 -3.27 -22.18 -8.56
CA THR C 58 -2.49 -21.84 -7.38
C THR C 58 -2.29 -20.33 -7.30
N ASN C 59 -2.06 -19.85 -6.08
CA ASN C 59 -1.46 -18.55 -5.83
C ASN C 59 -0.35 -18.76 -4.83
N TYR C 60 0.85 -18.26 -5.13
CA TYR C 60 1.99 -18.40 -4.25
C TYR C 60 2.36 -17.04 -3.67
N ALA C 61 2.73 -17.03 -2.39
CA ALA C 61 3.20 -15.80 -1.77
C ALA C 61 4.42 -15.30 -2.53
N GLN C 62 4.52 -13.96 -2.65
CA GLN C 62 5.62 -13.37 -3.40
C GLN C 62 6.97 -13.88 -2.91
N LYS C 63 7.11 -14.09 -1.60
CA LYS C 63 8.40 -14.46 -1.04
C LYS C 63 8.94 -15.75 -1.66
N PHE C 64 8.05 -16.70 -1.94
CA PHE C 64 8.47 -18.06 -2.29
C PHE C 64 8.35 -18.38 -3.76
N GLN C 65 7.78 -17.49 -4.56
CA GLN C 65 7.60 -17.74 -5.99
C GLN C 65 8.92 -18.17 -6.63
N GLY C 66 8.87 -19.27 -7.37
CA GLY C 66 10.02 -19.80 -8.06
C GLY C 66 10.65 -21.00 -7.38
N ARG C 67 10.34 -21.24 -6.12
CA ARG C 67 10.84 -22.44 -5.45
C ARG C 67 9.77 -23.11 -4.58
N VAL C 68 8.49 -22.77 -4.77
CA VAL C 68 7.40 -23.43 -4.07
C VAL C 68 6.41 -23.95 -5.11
N THR C 69 5.89 -25.14 -4.86
CA THR C 69 4.97 -25.80 -5.79
C THR C 69 3.89 -26.50 -4.99
N MET C 70 2.62 -26.27 -5.36
CA MET C 70 1.48 -26.85 -4.67
C MET C 70 0.68 -27.66 -5.66
N THR C 71 0.40 -28.91 -5.31
CA THR C 71 -0.34 -29.81 -6.18
C THR C 71 -1.35 -30.57 -5.33
N ARG C 72 -2.03 -31.53 -5.96
CA ARG C 72 -3.11 -32.23 -5.31
C ARG C 72 -3.30 -33.59 -5.98
N ASP C 73 -4.11 -34.43 -5.33
CA ASP C 73 -4.50 -35.73 -5.88
C ASP C 73 -5.92 -35.97 -5.37
N THR C 74 -6.91 -35.58 -6.17
CA THR C 74 -8.30 -35.65 -5.71
C THR C 74 -8.70 -37.08 -5.34
N SER C 75 -8.13 -38.07 -6.02
CA SER C 75 -8.48 -39.46 -5.72
C SER C 75 -8.20 -39.79 -4.26
N ILE C 76 -7.03 -39.39 -3.76
CA ILE C 76 -6.65 -39.67 -2.37
C ILE C 76 -6.78 -38.43 -1.49
N SER C 77 -7.48 -37.40 -1.95
CA SER C 77 -7.79 -36.22 -1.13
C SER C 77 -6.56 -35.69 -0.39
N THR C 78 -5.44 -35.61 -1.10
CA THR C 78 -4.18 -35.16 -0.51
C THR C 78 -3.67 -33.95 -1.27
N ALA C 79 -3.23 -32.94 -0.52
CA ALA C 79 -2.57 -31.77 -1.08
C ALA C 79 -1.09 -31.82 -0.72
N TYR C 80 -0.25 -31.31 -1.62
CA TYR C 80 1.19 -31.35 -1.47
C TYR C 80 1.77 -29.95 -1.56
N MET C 81 2.81 -29.70 -0.76
CA MET C 81 3.61 -28.48 -0.84
C MET C 81 5.06 -28.90 -0.94
N GLU C 82 5.70 -28.56 -2.06
CA GLU C 82 7.13 -28.82 -2.26
C GLU C 82 7.85 -27.50 -2.22
N LEU C 83 8.89 -27.41 -1.39
CA LEU C 83 9.72 -26.21 -1.26
C LEU C 83 11.15 -26.58 -1.65
N SER C 84 11.67 -25.92 -2.69
CA SER C 84 12.94 -26.27 -3.30
C SER C 84 13.95 -25.17 -3.04
N ARG C 85 15.17 -25.38 -3.54
CA ARG C 85 16.30 -24.49 -3.29
C ARG C 85 16.37 -24.13 -1.81
N LEU C 86 16.25 -25.17 -0.98
CA LEU C 86 16.06 -24.97 0.46
C LEU C 86 17.20 -24.17 1.06
N ARG C 87 16.86 -23.31 2.02
CA ARG C 87 17.82 -22.50 2.76
C ARG C 87 17.67 -22.80 4.25
N SER C 88 18.66 -22.35 5.03
CA SER C 88 18.57 -22.46 6.47
C SER C 88 17.34 -21.73 7.00
N ASP C 89 17.06 -20.54 6.46
CA ASP C 89 15.88 -19.77 6.88
C ASP C 89 14.62 -20.61 6.84
N ASP C 90 14.55 -21.59 5.94
CA ASP C 90 13.33 -22.35 5.72
C ASP C 90 13.07 -23.37 6.83
N THR C 91 13.92 -23.41 7.84
CA THR C 91 13.66 -24.24 9.01
C THR C 91 12.43 -23.69 9.73
N ALA C 92 11.39 -24.53 9.84
CA ALA C 92 10.10 -24.06 10.33
C ALA C 92 9.15 -25.24 10.43
N VAL C 93 8.00 -24.99 11.06
CA VAL C 93 6.87 -25.90 11.01
C VAL C 93 5.96 -25.46 9.87
N TYR C 94 5.60 -26.40 9.01
CA TYR C 94 4.78 -26.13 7.83
C TYR C 94 3.40 -26.73 8.05
N TYR C 95 2.37 -25.88 7.95
CA TYR C 95 1.00 -26.28 8.22
C TYR C 95 0.19 -26.30 6.92
N CYS C 96 -0.72 -27.26 6.81
CA CYS C 96 -1.81 -27.14 5.85
C CYS C 96 -3.03 -26.61 6.58
N ALA C 97 -3.82 -25.79 5.88
CA ALA C 97 -4.92 -25.07 6.49
C ALA C 97 -6.04 -24.90 5.48
N ARG C 98 -7.28 -25.02 5.95
CA ARG C 98 -8.45 -24.99 5.08
C ARG C 98 -9.43 -23.93 5.56
N GLY C 99 -9.97 -23.18 4.61
CA GLY C 99 -10.92 -22.15 4.94
C GLY C 99 -12.19 -22.72 5.56
N LYS C 100 -12.90 -21.85 6.28
CA LYS C 100 -14.16 -22.27 6.87
C LYS C 100 -15.24 -22.47 5.82
N ASN C 101 -15.22 -21.68 4.75
CA ASN C 101 -16.23 -21.76 3.71
C ASN C 101 -15.57 -21.93 2.35
N CYS C 102 -16.42 -22.00 1.32
CA CYS C 102 -16.00 -22.31 -0.04
C CYS C 102 -15.19 -21.17 -0.64
N ASP C 103 -14.52 -21.49 -1.75
CA ASP C 103 -13.93 -20.51 -2.67
C ASP C 103 -12.93 -19.62 -1.93
N TYR C 104 -13.09 -18.30 -1.95
CA TYR C 104 -12.04 -17.39 -1.49
C TYR C 104 -12.28 -16.99 -0.03
N ASN C 105 -12.25 -17.98 0.83
CA ASN C 105 -12.39 -17.79 2.26
C ASN C 105 -11.02 -17.93 2.91
N TRP C 106 -10.73 -17.02 3.85
CA TRP C 106 -9.44 -16.97 4.52
C TRP C 106 -9.55 -17.18 6.03
N ASP C 107 -10.62 -17.82 6.49
CA ASP C 107 -10.81 -18.12 7.90
C ASP C 107 -10.35 -19.55 8.11
N PHE C 108 -9.18 -19.71 8.72
CA PHE C 108 -8.51 -21.01 8.80
C PHE C 108 -9.01 -21.76 10.03
N GLN C 109 -10.21 -22.33 9.89
CA GLN C 109 -10.81 -23.07 10.99
C GLN C 109 -10.21 -24.46 11.15
N HIS C 110 -9.64 -25.03 10.09
CA HIS C 110 -9.07 -26.37 10.12
C HIS C 110 -7.59 -26.30 9.79
N TRP C 111 -6.78 -26.93 10.64
CA TRP C 111 -5.33 -26.93 10.49
C TRP C 111 -4.80 -28.34 10.61
N GLY C 112 -3.70 -28.61 9.91
CA GLY C 112 -2.96 -29.83 10.13
C GLY C 112 -2.15 -29.73 11.41
N GLN C 113 -1.60 -30.88 11.84
CA GLN C 113 -0.81 -30.87 13.06
C GLN C 113 0.51 -30.14 12.87
N GLY C 114 0.93 -29.91 11.65
CA GLY C 114 2.21 -29.31 11.37
C GLY C 114 3.26 -30.33 10.99
N THR C 115 4.25 -29.89 10.24
CA THR C 115 5.33 -30.75 9.75
C THR C 115 6.62 -29.96 9.92
N LEU C 116 7.45 -30.35 10.88
CA LEU C 116 8.71 -29.66 11.09
C LEU C 116 9.69 -30.04 10.00
N VAL C 117 10.34 -29.04 9.43
CA VAL C 117 11.37 -29.24 8.42
C VAL C 117 12.62 -28.50 8.88
N THR C 118 13.67 -29.26 9.18
CA THR C 118 14.97 -28.71 9.53
C THR C 118 15.85 -28.70 8.29
N VAL C 119 16.42 -27.54 7.98
CA VAL C 119 17.36 -27.40 6.86
C VAL C 119 18.70 -27.01 7.45
N SER C 120 19.71 -27.85 7.22
CA SER C 120 21.02 -27.61 7.81
C SER C 120 22.08 -28.42 7.09
N SER C 121 23.28 -27.83 6.96
CA SER C 121 24.43 -28.55 6.43
C SER C 121 24.88 -29.67 7.35
N ALA C 122 24.46 -29.65 8.61
CA ALA C 122 24.99 -30.59 9.59
C ALA C 122 24.54 -32.01 9.28
N SER C 123 25.27 -32.97 9.85
CA SER C 123 24.94 -34.38 9.78
C SER C 123 24.57 -34.89 11.16
N THR C 124 23.78 -35.97 11.19
CA THR C 124 23.30 -36.53 12.45
C THR C 124 24.47 -36.76 13.40
N LYS C 125 24.25 -36.47 14.69
CA LYS C 125 25.27 -36.64 15.70
C LYS C 125 24.61 -36.97 17.03
N GLY C 126 25.39 -37.60 17.92
CA GLY C 126 24.95 -37.90 19.25
C GLY C 126 25.40 -36.84 20.24
N PRO C 127 24.63 -36.63 21.30
CA PRO C 127 24.96 -35.55 22.24
C PRO C 127 26.12 -35.89 23.16
N SER C 128 26.86 -34.84 23.53
CA SER C 128 27.94 -34.93 24.51
C SER C 128 27.39 -34.52 25.86
N VAL C 129 27.11 -35.49 26.72
CA VAL C 129 26.50 -35.22 28.02
C VAL C 129 27.57 -34.98 29.06
N PHE C 130 27.44 -33.89 29.80
CA PHE C 130 28.38 -33.50 30.84
C PHE C 130 27.60 -33.10 32.09
N PRO C 131 28.17 -33.34 33.27
CA PRO C 131 27.46 -33.00 34.51
C PRO C 131 27.66 -31.54 34.91
N LEU C 132 26.66 -31.02 35.62
CA LEU C 132 26.69 -29.68 36.21
C LEU C 132 26.84 -29.87 37.73
N ALA C 133 28.05 -29.64 38.22
CA ALA C 133 28.40 -30.04 39.58
C ALA C 133 27.73 -29.14 40.60
N PRO C 134 27.14 -29.70 41.66
CA PRO C 134 26.75 -28.88 42.81
C PRO C 134 27.95 -28.12 43.37
N SER C 135 27.73 -26.85 43.67
CA SER C 135 28.78 -25.99 44.22
C SER C 135 29.63 -26.68 45.28
N THR C 143 19.25 -24.99 49.54
CA THR C 143 18.93 -25.73 48.32
C THR C 143 20.04 -25.57 47.28
N ALA C 144 20.44 -26.69 46.69
CA ALA C 144 21.48 -26.72 45.67
C ALA C 144 20.89 -27.13 44.32
N ALA C 145 21.71 -26.98 43.28
CA ALA C 145 21.33 -27.29 41.91
C ALA C 145 22.28 -28.30 41.30
N LEU C 146 21.68 -29.38 40.75
CA LEU C 146 22.27 -30.44 39.95
C LEU C 146 21.83 -30.22 38.50
N GLY C 147 22.57 -30.79 37.54
CA GLY C 147 22.12 -30.65 36.17
C GLY C 147 23.03 -31.37 35.19
N CYS C 148 22.52 -31.54 33.97
CA CYS C 148 23.26 -32.16 32.87
C CYS C 148 23.34 -31.19 31.70
N LEU C 149 24.45 -31.27 30.97
CA LEU C 149 24.68 -30.42 29.81
C LEU C 149 24.73 -31.31 28.57
N VAL C 150 23.73 -31.25 27.69
CA VAL C 150 23.66 -32.02 26.43
C VAL C 150 24.26 -31.13 25.35
N LYS C 151 25.48 -31.41 24.88
CA LYS C 151 26.29 -30.52 24.01
C LYS C 151 26.47 -31.10 22.61
N ASP C 152 26.62 -30.27 21.59
CA ASP C 152 27.01 -30.69 20.21
C ASP C 152 26.15 -31.85 19.65
N TYR C 153 24.84 -31.71 19.49
CA TYR C 153 23.91 -32.76 18.98
C TYR C 153 23.09 -32.29 17.77
N PHE C 154 22.68 -33.15 16.84
CA PHE C 154 21.84 -32.77 15.70
C PHE C 154 21.18 -34.03 15.16
N PRO C 155 19.91 -33.97 14.75
CA PRO C 155 18.99 -32.83 14.80
C PRO C 155 18.16 -32.84 16.08
N GLU C 156 17.32 -31.83 16.26
CA GLU C 156 16.31 -31.91 17.31
C GLU C 156 15.44 -33.14 17.07
N PRO C 157 14.85 -33.72 18.12
CA PRO C 157 14.90 -33.35 19.54
C PRO C 157 15.74 -34.30 20.38
N VAL C 158 15.93 -33.93 21.65
CA VAL C 158 16.52 -34.79 22.66
C VAL C 158 15.67 -34.69 23.91
N THR C 159 15.54 -35.77 24.65
CA THR C 159 14.76 -35.71 25.87
C THR C 159 15.66 -35.86 27.05
N VAL C 160 15.24 -35.35 28.19
CA VAL C 160 16.00 -35.48 29.41
C VAL C 160 15.06 -36.00 30.47
N SER C 161 15.54 -36.88 31.33
CA SER C 161 14.77 -37.40 32.44
C SER C 161 15.68 -37.41 33.65
N TRP C 162 15.16 -37.31 34.85
CA TRP C 162 16.07 -37.41 35.98
C TRP C 162 15.68 -38.66 36.75
N ASN C 163 16.62 -39.59 36.96
CA ASN C 163 16.39 -40.80 37.72
C ASN C 163 15.18 -41.57 37.27
N SER C 164 15.04 -41.72 35.96
CA SER C 164 13.94 -42.43 35.34
C SER C 164 12.57 -41.97 35.78
N GLY C 165 12.38 -40.66 35.93
CA GLY C 165 11.11 -40.09 36.34
C GLY C 165 10.86 -40.04 37.83
N ALA C 166 11.83 -40.45 38.64
CA ALA C 166 11.66 -40.39 40.08
C ALA C 166 11.63 -38.96 40.55
N LEU C 167 12.44 -38.12 39.92
CA LEU C 167 12.52 -36.74 40.29
C LEU C 167 12.07 -35.86 39.18
N THR C 168 10.91 -35.23 39.31
CA THR C 168 10.44 -34.27 38.34
C THR C 168 10.19 -32.86 38.87
N SER C 169 9.95 -32.68 40.16
CA SER C 169 9.66 -31.36 40.64
C SER C 169 10.92 -30.52 40.61
N GLY C 170 10.82 -29.28 40.12
CA GLY C 170 11.94 -28.38 40.05
C GLY C 170 12.89 -28.70 38.95
N VAL C 171 12.42 -29.44 37.96
CA VAL C 171 13.27 -29.81 36.86
C VAL C 171 13.01 -28.95 35.63
N HIS C 172 14.04 -28.31 35.09
CA HIS C 172 13.85 -27.51 33.92
C HIS C 172 14.72 -28.00 32.79
N THR C 173 14.15 -28.44 31.69
CA THR C 173 14.97 -28.83 30.56
C THR C 173 14.88 -27.61 29.64
N PHE C 174 15.98 -26.95 29.38
CA PHE C 174 15.95 -25.68 28.66
C PHE C 174 15.75 -25.90 27.15
N PRO C 175 15.06 -24.98 26.48
CA PRO C 175 14.93 -25.08 25.02
C PRO C 175 16.29 -25.16 24.35
N ALA C 176 16.44 -26.13 23.46
CA ALA C 176 17.70 -26.29 22.74
C ALA C 176 18.10 -24.99 22.08
N VAL C 177 19.41 -24.78 21.95
CA VAL C 177 19.97 -23.61 21.29
C VAL C 177 20.92 -24.08 20.19
N LEU C 178 20.84 -23.44 19.04
CA LEU C 178 21.64 -23.82 17.89
C LEU C 178 22.93 -23.00 17.88
N GLN C 179 24.06 -23.69 17.94
CA GLN C 179 25.35 -23.02 17.96
C GLN C 179 25.81 -22.72 16.54
N SER C 180 26.82 -21.84 16.43
CA SER C 180 27.44 -21.57 15.14
C SER C 180 27.97 -22.85 14.51
N SER C 181 28.28 -23.87 15.31
CA SER C 181 28.69 -25.15 14.75
C SER C 181 27.62 -25.76 13.85
N GLY C 182 26.36 -25.39 14.04
CA GLY C 182 25.25 -26.08 13.42
C GLY C 182 24.64 -27.16 14.27
N LEU C 183 25.13 -27.33 15.50
CA LEU C 183 24.66 -28.36 16.41
C LEU C 183 23.84 -27.72 17.53
N TYR C 184 22.89 -28.48 18.04
CA TYR C 184 22.06 -28.03 19.14
C TYR C 184 22.73 -28.35 20.48
N SER C 185 22.41 -27.53 21.48
CA SER C 185 22.95 -27.71 22.83
C SER C 185 21.91 -27.21 23.82
N LEU C 186 21.66 -27.99 24.86
CA LEU C 186 20.73 -27.60 25.91
C LEU C 186 21.26 -28.11 27.25
N SER C 187 20.69 -27.59 28.32
CA SER C 187 21.06 -27.99 29.68
C SER C 187 19.80 -28.27 30.47
N SER C 188 19.82 -29.37 31.22
CA SER C 188 18.74 -29.76 32.12
C SER C 188 19.23 -29.61 33.55
N VAL C 189 18.48 -28.87 34.38
CA VAL C 189 18.85 -28.62 35.75
C VAL C 189 17.71 -29.06 36.67
N VAL C 190 18.03 -29.17 37.95
CA VAL C 190 17.04 -29.55 38.96
C VAL C 190 17.52 -29.01 40.30
N THR C 191 16.60 -28.36 41.03
CA THR C 191 16.89 -27.89 42.38
C THR C 191 16.48 -28.97 43.38
N VAL C 192 17.41 -29.34 44.24
CA VAL C 192 17.19 -30.39 45.22
C VAL C 192 17.69 -29.91 46.58
N PRO C 193 17.14 -30.43 47.69
CA PRO C 193 17.64 -30.01 49.00
C PRO C 193 19.05 -30.54 49.24
N SER C 194 19.87 -29.70 49.89
CA SER C 194 21.21 -30.12 50.27
C SER C 194 21.20 -31.33 51.19
N SER C 195 20.03 -31.71 51.73
CA SER C 195 19.94 -32.86 52.61
C SER C 195 20.44 -34.13 51.93
N SER C 196 19.92 -34.42 50.73
CA SER C 196 20.16 -35.69 50.06
C SER C 196 21.31 -35.62 49.06
N LEU C 197 22.17 -34.62 49.16
CA LEU C 197 23.31 -34.55 48.25
C LEU C 197 24.19 -35.78 48.37
N GLY C 198 24.41 -36.26 49.59
CA GLY C 198 25.20 -37.45 49.80
C GLY C 198 24.37 -38.71 49.86
N THR C 199 23.10 -38.58 50.24
CA THR C 199 22.25 -39.74 50.41
C THR C 199 21.83 -40.33 49.08
N GLN C 200 21.25 -39.51 48.21
CA GLN C 200 20.59 -39.99 46.99
C GLN C 200 21.44 -39.71 45.76
N THR C 201 21.29 -40.55 44.74
CA THR C 201 22.03 -40.38 43.52
C THR C 201 21.15 -39.68 42.51
N TYR C 202 21.76 -38.95 41.60
CA TYR C 202 21.05 -38.25 40.56
C TYR C 202 21.64 -38.53 39.18
N ILE C 203 20.83 -38.95 38.23
CA ILE C 203 21.34 -39.21 36.90
C ILE C 203 20.37 -38.66 35.85
N CYS C 204 20.88 -38.37 34.65
CA CYS C 204 20.06 -37.85 33.57
C CYS C 204 19.80 -38.90 32.54
N ASN C 205 18.57 -39.26 32.29
CA ASN C 205 18.29 -40.21 31.25
C ASN C 205 18.15 -39.40 29.95
N VAL C 206 19.28 -39.13 29.30
CA VAL C 206 19.31 -38.39 28.04
C VAL C 206 19.14 -39.34 26.87
N ASN C 207 18.24 -39.08 25.94
CA ASN C 207 18.09 -39.97 24.81
C ASN C 207 17.86 -39.23 23.49
N HIS C 208 18.57 -39.60 22.42
CA HIS C 208 18.46 -38.96 21.11
C HIS C 208 18.11 -39.99 20.07
N LYS C 209 16.82 -40.22 19.87
CA LYS C 209 16.38 -41.24 18.95
C LYS C 209 16.98 -41.23 17.56
N PRO C 210 17.17 -40.07 16.94
CA PRO C 210 17.72 -40.12 15.59
C PRO C 210 19.07 -40.78 15.43
N SER C 211 19.94 -40.61 16.40
CA SER C 211 21.25 -41.21 16.34
C SER C 211 21.39 -42.28 17.38
N ASN C 212 20.28 -42.78 17.89
CA ASN C 212 20.23 -43.77 18.96
C ASN C 212 21.23 -43.60 20.08
N THR C 213 21.36 -42.40 20.61
CA THR C 213 22.31 -42.19 21.67
C THR C 213 21.61 -42.08 23.02
N LYS C 214 21.49 -43.20 23.73
CA LYS C 214 20.94 -43.19 25.07
C LYS C 214 22.15 -43.06 25.98
N VAL C 215 22.21 -42.06 26.85
CA VAL C 215 23.37 -41.84 27.71
C VAL C 215 22.98 -41.48 29.16
N ASP C 216 23.72 -41.97 30.14
CA ASP C 216 23.41 -41.64 31.54
C ASP C 216 24.67 -41.10 32.21
N LYS C 217 24.53 -39.94 32.84
CA LYS C 217 25.61 -39.31 33.60
C LYS C 217 25.10 -39.00 34.99
N ARG C 218 25.89 -39.36 36.00
CA ARG C 218 25.55 -39.11 37.40
C ARG C 218 26.38 -37.94 37.92
N VAL C 219 25.78 -37.18 38.84
CA VAL C 219 26.38 -35.95 39.33
C VAL C 219 26.71 -36.10 40.82
N GLU C 220 27.83 -35.51 41.22
CA GLU C 220 28.30 -35.55 42.59
C GLU C 220 29.11 -34.28 42.84
N PRO C 221 29.35 -33.92 44.11
CA PRO C 221 30.14 -32.71 44.40
C PRO C 221 31.57 -32.79 43.84
N GLU D 1 1.67 -3.34 0.07
CA GLU D 1 0.55 -4.28 0.33
C GLU D 1 -0.25 -3.85 1.56
N ILE D 2 -1.21 -4.69 1.95
CA ILE D 2 -1.82 -4.53 3.27
C ILE D 2 -0.74 -4.70 4.33
N VAL D 3 -0.86 -3.92 5.40
CA VAL D 3 0.09 -3.93 6.51
C VAL D 3 -0.71 -4.04 7.80
N LEU D 4 -0.57 -5.17 8.49
CA LEU D 4 -1.29 -5.42 9.73
C LEU D 4 -0.37 -5.08 10.91
N THR D 5 -0.81 -4.16 11.75
CA THR D 5 -0.08 -3.74 12.93
C THR D 5 -0.84 -4.21 14.17
N GLN D 6 -0.27 -5.18 14.87
CA GLN D 6 -0.90 -5.74 16.05
C GLN D 6 -0.24 -5.17 17.30
N SER D 7 -1.05 -4.86 18.30
CA SER D 7 -0.55 -4.25 19.53
C SER D 7 -1.42 -4.70 20.69
N PRO D 8 -0.82 -4.87 21.89
CA PRO D 8 0.61 -4.75 22.18
C PRO D 8 1.37 -6.02 21.82
N ALA D 9 2.71 -5.94 21.77
CA ALA D 9 3.50 -7.13 21.47
C ALA D 9 3.46 -8.11 22.62
N THR D 10 3.49 -7.62 23.86
CA THR D 10 3.40 -8.45 25.05
C THR D 10 2.36 -7.84 25.99
N LEU D 11 1.67 -8.71 26.72
CA LEU D 11 0.60 -8.28 27.62
C LEU D 11 0.68 -9.11 28.89
N SER D 12 0.86 -8.44 30.02
CA SER D 12 1.02 -9.10 31.32
C SER D 12 -0.20 -8.78 32.18
N LEU D 13 -1.04 -9.79 32.41
CA LEU D 13 -2.26 -9.63 33.17
C LEU D 13 -2.40 -10.83 34.12
N SER D 14 -3.21 -10.64 35.15
CA SER D 14 -3.55 -11.71 36.07
C SER D 14 -4.87 -12.35 35.67
N PRO D 15 -5.09 -13.61 36.04
CA PRO D 15 -6.39 -14.22 35.77
C PRO D 15 -7.53 -13.36 36.30
N GLY D 16 -8.66 -13.39 35.59
CA GLY D 16 -9.80 -12.59 35.94
C GLY D 16 -9.79 -11.18 35.40
N GLU D 17 -8.65 -10.70 34.91
CA GLU D 17 -8.62 -9.38 34.29
C GLU D 17 -9.19 -9.45 32.88
N ARG D 18 -9.32 -8.27 32.27
CA ARG D 18 -9.82 -8.15 30.90
C ARG D 18 -8.66 -7.76 30.01
N ALA D 19 -8.41 -8.56 28.97
CA ALA D 19 -7.37 -8.27 27.99
C ALA D 19 -7.99 -7.59 26.78
N THR D 20 -7.27 -6.65 26.20
CA THR D 20 -7.71 -5.93 25.02
C THR D 20 -6.56 -5.91 24.02
N LEU D 21 -6.69 -6.64 22.92
CA LEU D 21 -5.72 -6.66 21.85
C LEU D 21 -6.24 -5.83 20.68
N SER D 22 -5.32 -5.20 19.97
CA SER D 22 -5.67 -4.34 18.85
C SER D 22 -4.93 -4.78 17.59
N CYS D 23 -5.60 -4.62 16.45
CA CYS D 23 -5.01 -4.87 15.15
C CYS D 23 -5.50 -3.79 14.21
N ARG D 24 -4.58 -3.23 13.43
CA ARG D 24 -4.88 -2.17 12.48
C ARG D 24 -4.45 -2.63 11.10
N ALA D 25 -5.41 -2.68 10.17
CA ALA D 25 -5.14 -3.05 8.78
C ALA D 25 -4.93 -1.77 7.99
N SER D 26 -3.68 -1.40 7.80
CA SER D 26 -3.35 -0.24 6.98
C SER D 26 -3.32 -0.63 5.51
N GLN D 27 -3.52 0.37 4.64
CA GLN D 27 -3.55 0.15 3.21
C GLN D 27 -4.52 -0.98 2.85
N SER D 28 -5.73 -0.87 3.39
CA SER D 28 -6.77 -1.87 3.20
C SER D 28 -8.12 -1.18 3.33
N VAL D 29 -9.10 -1.67 2.57
CA VAL D 29 -10.49 -1.21 2.73
C VAL D 29 -11.37 -2.41 3.07
N SER D 30 -10.82 -3.39 3.79
CA SER D 30 -11.59 -4.53 4.24
C SER D 30 -11.97 -4.31 5.70
N SER D 31 -13.26 -4.49 6.00
CA SER D 31 -13.79 -4.25 7.33
C SER D 31 -13.92 -5.53 8.14
N TYR D 32 -13.33 -6.63 7.66
CA TYR D 32 -13.44 -7.93 8.32
C TYR D 32 -12.05 -8.48 8.59
N LEU D 33 -11.99 -9.34 9.60
CA LEU D 33 -10.71 -9.81 10.12
C LEU D 33 -10.96 -11.04 10.97
N ALA D 34 -9.94 -11.89 11.09
CA ALA D 34 -10.00 -13.08 11.92
C ALA D 34 -8.92 -13.00 12.98
N TRP D 35 -9.15 -13.69 14.08
CA TRP D 35 -8.20 -13.77 15.19
C TRP D 35 -7.93 -15.24 15.50
N TYR D 36 -6.70 -15.53 15.90
CA TYR D 36 -6.28 -16.88 16.22
C TYR D 36 -5.56 -16.90 17.57
N GLN D 37 -5.64 -18.06 18.22
CA GLN D 37 -4.91 -18.34 19.45
C GLN D 37 -3.96 -19.49 19.17
N GLN D 38 -2.75 -19.41 19.69
CA GLN D 38 -1.76 -20.46 19.49
C GLN D 38 -1.03 -20.73 20.81
N LYS D 39 -1.08 -21.96 21.25
CA LYS D 39 -0.29 -22.41 22.38
C LYS D 39 0.93 -23.17 21.90
N PRO D 40 1.95 -23.33 22.73
CA PRO D 40 3.19 -23.97 22.26
C PRO D 40 2.93 -25.38 21.75
N GLY D 41 3.50 -25.69 20.59
CA GLY D 41 3.41 -27.03 20.06
C GLY D 41 2.15 -27.37 19.30
N GLN D 42 1.25 -26.41 19.08
CA GLN D 42 0.00 -26.68 18.40
C GLN D 42 -0.24 -25.64 17.32
N ALA D 43 -1.07 -26.03 16.34
CA ALA D 43 -1.44 -25.11 15.28
C ALA D 43 -2.29 -23.97 15.83
N PRO D 44 -2.31 -22.84 15.14
CA PRO D 44 -3.23 -21.76 15.53
C PRO D 44 -4.66 -22.28 15.57
N ARG D 45 -5.49 -21.63 16.38
CA ARG D 45 -6.90 -21.96 16.49
C ARG D 45 -7.75 -20.73 16.21
N LEU D 46 -8.70 -20.83 15.31
CA LEU D 46 -9.55 -19.72 14.96
C LEU D 46 -10.45 -19.29 16.11
N LEU D 47 -10.39 -18.04 16.51
CA LEU D 47 -11.25 -17.57 17.54
C LEU D 47 -12.45 -16.80 17.02
N ILE D 48 -12.16 -15.84 16.18
CA ILE D 48 -13.10 -14.93 15.65
C ILE D 48 -12.99 -14.86 14.16
N TYR D 49 -14.06 -14.88 13.42
CA TYR D 49 -13.97 -14.64 12.00
C TYR D 49 -14.92 -13.46 11.70
N ASP D 50 -14.75 -12.82 10.56
CA ASP D 50 -15.59 -11.66 10.15
C ASP D 50 -15.69 -10.56 11.19
N ALA D 51 -14.60 -10.29 11.90
CA ALA D 51 -14.47 -9.29 12.96
C ALA D 51 -15.15 -9.55 14.31
N SER D 52 -16.44 -9.86 14.33
CA SER D 52 -17.14 -10.12 15.55
C SER D 52 -17.77 -11.47 15.70
N ASN D 53 -17.54 -12.41 14.80
CA ASN D 53 -18.19 -13.69 14.97
C ASN D 53 -17.31 -14.70 15.61
N ARG D 54 -17.79 -15.37 16.62
CA ARG D 54 -16.99 -16.37 17.25
C ARG D 54 -17.01 -17.66 16.46
N ALA D 55 -15.89 -18.39 16.41
CA ALA D 55 -15.83 -19.70 15.80
C ALA D 55 -16.48 -20.74 16.72
N THR D 56 -16.62 -21.95 16.21
CA THR D 56 -17.29 -23.01 16.96
C THR D 56 -16.48 -23.36 18.21
N GLY D 57 -17.18 -23.49 19.33
CA GLY D 57 -16.56 -23.92 20.57
C GLY D 57 -15.77 -22.85 21.29
N ILE D 58 -15.90 -21.59 20.92
CA ILE D 58 -15.14 -20.52 21.56
C ILE D 58 -15.99 -19.96 22.70
N PRO D 59 -15.46 -19.84 23.91
CA PRO D 59 -16.26 -19.35 25.03
C PRO D 59 -16.69 -17.90 24.82
N ALA D 60 -17.78 -17.53 25.50
CA ALA D 60 -18.39 -16.21 25.30
C ALA D 60 -17.52 -15.08 25.81
N ARG D 61 -16.49 -15.37 26.61
CA ARG D 61 -15.62 -14.29 27.08
C ARG D 61 -14.73 -13.73 25.98
N PHE D 62 -14.68 -14.39 24.82
CA PHE D 62 -13.93 -13.91 23.67
C PHE D 62 -14.86 -13.09 22.79
N SER D 63 -14.56 -11.80 22.64
CA SER D 63 -15.36 -10.88 21.86
C SER D 63 -14.47 -10.16 20.86
N GLY D 64 -15.01 -9.92 19.67
CA GLY D 64 -14.27 -9.21 18.64
C GLY D 64 -15.11 -8.08 18.06
N SER D 65 -14.46 -6.94 17.84
CA SER D 65 -15.11 -5.75 17.32
C SER D 65 -14.25 -5.14 16.21
N GLY D 66 -14.94 -4.57 15.22
CA GLY D 66 -14.26 -3.87 14.16
C GLY D 66 -14.96 -2.58 13.77
N SER D 67 -14.19 -1.55 13.46
CA SER D 67 -14.71 -0.29 12.94
C SER D 67 -13.73 0.21 11.89
N GLY D 68 -14.20 0.28 10.65
CA GLY D 68 -13.27 0.57 9.56
C GLY D 68 -12.24 -0.56 9.51
N THR D 69 -10.97 -0.18 9.46
CA THR D 69 -9.88 -1.15 9.50
C THR D 69 -9.18 -1.19 10.87
N ASP D 70 -9.89 -0.77 11.93
CA ASP D 70 -9.41 -0.89 13.29
C ASP D 70 -10.20 -1.99 13.98
N PHE D 71 -9.49 -2.94 14.57
CA PHE D 71 -10.11 -4.11 15.16
C PHE D 71 -9.60 -4.31 16.59
N THR D 72 -10.42 -4.96 17.40
CA THR D 72 -10.06 -5.27 18.77
C THR D 72 -10.57 -6.67 19.10
N LEU D 73 -9.72 -7.44 19.75
CA LEU D 73 -10.11 -8.67 20.42
C LEU D 73 -10.11 -8.40 21.92
N THR D 74 -11.23 -8.69 22.58
CA THR D 74 -11.38 -8.48 24.01
C THR D 74 -11.64 -9.82 24.69
N ILE D 75 -10.89 -10.10 25.74
CA ILE D 75 -11.10 -11.29 26.57
C ILE D 75 -11.48 -10.79 27.96
N SER D 76 -12.72 -10.98 28.39
CA SER D 76 -13.19 -10.67 29.74
C SER D 76 -12.85 -11.83 30.67
N SER D 77 -12.52 -11.57 31.92
CA SER D 77 -12.25 -12.61 32.92
C SER D 77 -11.28 -13.66 32.39
N LEU D 78 -10.06 -13.25 32.13
CA LEU D 78 -9.01 -14.11 31.57
C LEU D 78 -8.92 -15.42 32.35
N GLU D 79 -9.19 -16.55 31.74
CA GLU D 79 -8.98 -17.85 32.34
C GLU D 79 -7.51 -18.25 32.20
N PRO D 80 -7.03 -19.14 33.07
CA PRO D 80 -5.62 -19.57 32.96
C PRO D 80 -5.28 -20.18 31.60
N GLU D 81 -6.24 -20.83 30.94
CA GLU D 81 -5.99 -21.43 29.65
C GLU D 81 -5.90 -20.40 28.52
N ASP D 82 -6.21 -19.13 28.79
CA ASP D 82 -6.25 -18.09 27.78
C ASP D 82 -4.91 -17.41 27.58
N PHE D 83 -3.89 -17.77 28.34
CA PHE D 83 -2.59 -17.13 28.23
C PHE D 83 -1.79 -17.84 27.16
N ALA D 84 -1.56 -17.16 26.05
CA ALA D 84 -0.99 -17.74 24.85
C ALA D 84 -0.64 -16.59 23.91
N VAL D 85 -0.26 -16.92 22.67
CA VAL D 85 0.00 -15.93 21.64
C VAL D 85 -1.25 -15.79 20.79
N TYR D 86 -1.53 -14.56 20.36
CA TYR D 86 -2.71 -14.25 19.57
C TYR D 86 -2.29 -13.54 18.30
N TYR D 87 -2.96 -13.88 17.20
CA TYR D 87 -2.64 -13.32 15.89
C TYR D 87 -3.90 -12.76 15.25
N CYS D 88 -3.78 -11.57 14.67
CA CYS D 88 -4.78 -11.07 13.73
C CYS D 88 -4.44 -11.54 12.32
N GLN D 89 -5.44 -11.47 11.43
CA GLN D 89 -5.23 -11.95 10.06
C GLN D 89 -6.21 -11.24 9.13
N GLN D 90 -5.68 -10.78 8.01
CA GLN D 90 -6.49 -10.31 6.89
C GLN D 90 -5.89 -10.91 5.63
N TYR D 91 -6.64 -11.79 4.96
CA TYR D 91 -6.20 -12.43 3.72
C TYR D 91 -4.88 -13.14 4.02
N GLU D 92 -3.79 -12.83 3.33
CA GLU D 92 -2.55 -13.57 3.49
C GLU D 92 -1.69 -13.05 4.64
N PHE D 93 -2.08 -11.94 5.27
CA PHE D 93 -1.24 -11.24 6.22
C PHE D 93 -1.63 -11.60 7.64
N PHE D 94 -0.62 -11.89 8.46
CA PHE D 94 -0.81 -12.10 9.89
C PHE D 94 -0.10 -10.97 10.64
N GLY D 95 -0.70 -10.52 11.73
CA GLY D 95 -0.02 -9.61 12.61
C GLY D 95 1.20 -10.25 13.23
N GLN D 96 2.02 -9.39 13.86
CA GLN D 96 3.23 -9.86 14.51
C GLN D 96 2.95 -10.77 15.71
N GLY D 97 1.75 -10.67 16.29
CA GLY D 97 1.38 -11.49 17.42
C GLY D 97 1.43 -10.73 18.73
N THR D 98 0.67 -11.22 19.70
CA THR D 98 0.64 -10.67 21.05
C THR D 98 0.79 -11.82 22.04
N LYS D 99 1.90 -11.82 22.79
CA LYS D 99 2.12 -12.85 23.81
C LYS D 99 1.39 -12.41 25.07
N LEU D 100 0.26 -13.05 25.35
CA LEU D 100 -0.51 -12.77 26.57
C LEU D 100 0.09 -13.61 27.70
N GLU D 101 0.68 -12.93 28.68
CA GLU D 101 1.46 -13.55 29.73
C GLU D 101 0.80 -13.31 31.09
N ILE D 102 0.98 -14.27 32.00
CA ILE D 102 0.44 -14.14 33.35
C ILE D 102 1.34 -13.23 34.17
N LYS D 103 0.76 -12.20 34.76
CA LYS D 103 1.49 -11.36 35.70
C LYS D 103 1.35 -11.91 37.12
N ARG D 104 2.47 -12.05 37.80
CA ARG D 104 2.51 -12.52 39.18
C ARG D 104 3.39 -11.58 40.00
N THR D 105 3.57 -11.93 41.27
CA THR D 105 4.40 -11.13 42.15
C THR D 105 5.86 -11.21 41.71
N VAL D 106 6.55 -10.07 41.72
CA VAL D 106 7.96 -10.04 41.37
C VAL D 106 8.69 -11.09 42.19
N ALA D 107 9.53 -11.88 41.52
CA ALA D 107 10.33 -12.90 42.17
C ALA D 107 11.76 -12.80 41.63
N ALA D 108 12.72 -12.76 42.54
CA ALA D 108 14.10 -12.65 42.13
C ALA D 108 14.66 -14.03 41.79
N PRO D 109 15.65 -14.10 40.90
CA PRO D 109 16.22 -15.40 40.53
C PRO D 109 17.23 -15.87 41.56
N SER D 110 17.13 -17.15 41.92
CA SER D 110 18.17 -17.82 42.69
C SER D 110 19.27 -18.23 41.71
N VAL D 111 20.42 -17.57 41.81
CA VAL D 111 21.48 -17.71 40.81
C VAL D 111 22.40 -18.85 41.19
N PHE D 112 22.79 -19.63 40.18
CA PHE D 112 23.70 -20.75 40.33
C PHE D 112 24.74 -20.66 39.22
N ILE D 113 25.94 -21.16 39.50
CA ILE D 113 27.04 -21.14 38.53
C ILE D 113 27.76 -22.48 38.60
N PHE D 114 28.16 -22.98 37.42
CA PHE D 114 28.79 -24.29 37.31
C PHE D 114 30.06 -24.15 36.47
N PRO D 115 31.19 -24.67 36.94
CA PRO D 115 32.41 -24.66 36.10
C PRO D 115 32.39 -25.83 35.13
N PRO D 116 33.21 -25.78 34.08
CA PRO D 116 33.19 -26.87 33.09
C PRO D 116 33.54 -28.21 33.72
N SER D 117 32.83 -29.24 33.29
CA SER D 117 33.16 -30.60 33.68
C SER D 117 34.61 -30.89 33.34
N ASP D 118 35.17 -31.92 33.99
CA ASP D 118 36.51 -32.35 33.62
C ASP D 118 36.48 -33.30 32.43
N GLU D 119 35.38 -34.05 32.26
CA GLU D 119 35.24 -34.86 31.05
C GLU D 119 35.15 -33.97 29.81
N GLN D 120 34.44 -32.85 29.91
CA GLN D 120 34.38 -31.91 28.80
C GLN D 120 35.76 -31.37 28.46
N LEU D 121 36.66 -31.32 29.44
CA LEU D 121 38.03 -30.90 29.19
C LEU D 121 38.85 -32.03 28.59
N LYS D 122 38.55 -33.28 28.92
CA LYS D 122 39.12 -34.41 28.20
C LYS D 122 38.69 -34.39 26.74
N SER D 123 37.51 -33.84 26.44
CA SER D 123 37.06 -33.72 25.06
C SER D 123 37.87 -32.65 24.33
N GLY D 124 38.10 -31.51 24.97
CA GLY D 124 38.94 -30.47 24.38
C GLY D 124 38.29 -29.10 24.30
N THR D 125 37.15 -28.91 24.97
CA THR D 125 36.48 -27.62 25.01
C THR D 125 35.87 -27.42 26.40
N ALA D 126 35.59 -26.16 26.72
CA ALA D 126 35.08 -25.79 28.03
C ALA D 126 33.85 -24.91 27.89
N SER D 127 32.80 -25.24 28.66
CA SER D 127 31.57 -24.46 28.69
C SER D 127 31.12 -24.30 30.13
N VAL D 128 30.93 -23.05 30.56
CA VAL D 128 30.54 -22.73 31.92
C VAL D 128 29.10 -22.22 31.92
N VAL D 129 28.25 -22.86 32.72
CA VAL D 129 26.81 -22.59 32.74
C VAL D 129 26.49 -21.66 33.91
N CYS D 130 25.58 -20.72 33.67
CA CYS D 130 25.05 -19.85 34.72
C CYS D 130 23.53 -19.90 34.67
N LEU D 131 22.84 -20.17 35.78
CA LEU D 131 21.38 -20.38 35.80
C LEU D 131 20.67 -19.33 36.61
N LEU D 132 19.55 -18.80 36.15
CA LEU D 132 18.71 -17.92 36.98
C LEU D 132 17.45 -18.75 37.16
N ASN D 133 17.08 -19.11 38.37
CA ASN D 133 15.94 -20.03 38.50
C ASN D 133 14.70 -19.34 39.07
N ASN D 134 13.52 -19.73 38.63
CA ASN D 134 12.22 -19.34 39.19
C ASN D 134 12.09 -17.86 39.47
N PHE D 135 12.21 -17.00 38.46
CA PHE D 135 12.09 -15.57 38.67
C PHE D 135 11.00 -14.94 37.83
N TYR D 136 10.54 -13.79 38.24
CA TYR D 136 9.56 -13.07 37.47
C TYR D 136 9.82 -11.59 37.64
N PRO D 137 9.74 -10.77 36.60
CA PRO D 137 9.38 -10.82 35.20
C PRO D 137 10.46 -11.48 34.44
N ARG D 138 10.19 -11.75 33.18
CA ARG D 138 11.10 -12.40 32.29
C ARG D 138 12.32 -11.57 31.97
N GLU D 139 12.25 -10.27 32.12
CA GLU D 139 13.39 -9.44 31.74
C GLU D 139 14.55 -9.63 32.71
N ALA D 140 15.73 -9.89 32.17
CA ALA D 140 16.94 -10.06 32.96
C ALA D 140 18.15 -9.92 32.04
N LYS D 141 19.19 -9.25 32.54
CA LYS D 141 20.43 -9.08 31.80
C LYS D 141 21.54 -9.79 32.56
N VAL D 142 22.21 -10.74 31.89
CA VAL D 142 23.29 -11.51 32.46
C VAL D 142 24.60 -11.10 31.79
N GLN D 143 25.64 -10.95 32.60
CA GLN D 143 26.96 -10.54 32.12
C GLN D 143 28.02 -11.50 32.64
N TRP D 144 28.98 -11.82 31.78
CA TRP D 144 30.12 -12.67 32.14
C TRP D 144 31.38 -11.82 32.22
N LYS D 145 32.32 -12.27 33.06
CA LYS D 145 33.61 -11.60 33.20
C LYS D 145 34.68 -12.62 33.54
N VAL D 146 35.67 -12.70 32.64
CA VAL D 146 36.86 -13.53 32.76
C VAL D 146 37.91 -12.71 33.49
N ASP D 147 38.24 -13.06 34.74
CA ASP D 147 39.24 -12.27 35.46
C ASP D 147 38.93 -10.76 35.40
N ASN D 148 37.66 -10.44 35.66
CA ASN D 148 37.16 -9.06 35.57
C ASN D 148 37.38 -8.49 34.17
N ALA D 149 37.10 -9.30 33.16
CA ALA D 149 37.13 -8.89 31.76
C ALA D 149 35.75 -9.12 31.17
N LEU D 150 34.94 -8.06 31.12
CA LEU D 150 33.59 -8.16 30.58
C LEU D 150 33.62 -8.73 29.16
N GLN D 151 33.13 -9.95 28.99
CA GLN D 151 33.19 -10.65 27.72
C GLN D 151 31.93 -10.41 26.91
N SER D 152 32.06 -10.58 25.60
CA SER D 152 30.98 -10.30 24.67
C SER D 152 31.07 -11.25 23.49
N GLY D 153 29.90 -11.63 22.96
CA GLY D 153 29.81 -12.40 21.74
C GLY D 153 30.02 -13.88 21.88
N ASN D 154 30.48 -14.37 23.03
CA ASN D 154 30.74 -15.79 23.24
C ASN D 154 29.81 -16.41 24.27
N SER D 155 28.60 -15.86 24.41
CA SER D 155 27.61 -16.37 25.35
C SER D 155 26.32 -16.69 24.61
N GLN D 156 25.53 -17.59 25.18
CA GLN D 156 24.27 -18.01 24.58
C GLN D 156 23.24 -18.23 25.69
N GLU D 157 22.07 -17.64 25.53
CA GLU D 157 21.00 -17.71 26.52
C GLU D 157 19.86 -18.60 26.06
N SER D 158 19.16 -19.17 27.03
CA SER D 158 17.93 -19.91 26.76
C SER D 158 16.98 -19.69 27.93
N VAL D 159 15.71 -19.46 27.62
CA VAL D 159 14.70 -19.12 28.62
C VAL D 159 13.54 -20.07 28.49
N THR D 160 13.13 -20.66 29.60
CA THR D 160 11.99 -21.56 29.60
C THR D 160 10.70 -20.78 29.33
N GLU D 161 9.63 -21.53 29.09
CA GLU D 161 8.32 -20.92 29.04
C GLU D 161 7.85 -20.63 30.46
N GLN D 162 6.82 -19.78 30.56
CA GLN D 162 6.25 -19.47 31.86
C GLN D 162 5.73 -20.74 32.52
N ASP D 163 6.08 -20.95 33.78
CA ASP D 163 5.67 -22.15 34.49
C ASP D 163 4.15 -22.16 34.68
N SER D 164 3.53 -23.31 34.42
CA SER D 164 2.08 -23.41 34.51
C SER D 164 1.58 -23.31 35.95
N LYS D 165 2.41 -23.64 36.94
CA LYS D 165 2.01 -23.63 38.34
C LYS D 165 2.36 -22.33 39.04
N ASP D 166 3.65 -21.95 39.04
CA ASP D 166 4.09 -20.77 39.76
C ASP D 166 4.29 -19.54 38.87
N SER D 167 4.23 -19.69 37.55
CA SER D 167 4.21 -18.57 36.62
C SER D 167 5.54 -17.83 36.53
N THR D 168 6.65 -18.53 36.79
CA THR D 168 7.97 -17.92 36.76
C THR D 168 8.75 -18.40 35.52
N TYR D 169 9.95 -17.86 35.36
CA TYR D 169 10.85 -18.23 34.29
C TYR D 169 12.17 -18.70 34.85
N SER D 170 12.91 -19.45 34.04
CA SER D 170 14.29 -19.80 34.33
C SER D 170 15.14 -19.54 33.09
N LEU D 171 16.38 -19.12 33.31
CA LEU D 171 17.25 -18.71 32.21
C LEU D 171 18.57 -19.46 32.27
N SER D 172 19.05 -19.84 31.09
CA SER D 172 20.27 -20.62 30.92
C SER D 172 21.22 -19.81 30.04
N SER D 173 22.29 -19.30 30.63
CA SER D 173 23.33 -18.61 29.88
C SER D 173 24.61 -19.42 30.00
N THR D 174 25.16 -19.82 28.86
CA THR D 174 26.32 -20.72 28.80
C THR D 174 27.47 -20.01 28.10
N LEU D 175 28.61 -19.97 28.78
CA LEU D 175 29.83 -19.41 28.23
C LEU D 175 30.65 -20.54 27.62
N THR D 176 30.99 -20.40 26.34
CA THR D 176 31.78 -21.40 25.62
C THR D 176 33.20 -20.84 25.46
N LEU D 177 34.16 -21.49 26.14
CA LEU D 177 35.55 -21.08 26.11
C LEU D 177 36.42 -22.22 25.60
N SER D 178 37.40 -21.89 24.76
CA SER D 178 38.41 -22.86 24.38
C SER D 178 39.20 -23.30 25.59
N LYS D 179 39.42 -24.62 25.70
CA LYS D 179 40.27 -25.16 26.77
C LYS D 179 41.60 -24.42 26.83
N ALA D 180 42.10 -24.01 25.68
CA ALA D 180 43.30 -23.17 25.62
C ALA D 180 43.01 -21.79 26.17
N ASP D 181 41.82 -21.25 25.88
CA ASP D 181 41.46 -19.94 26.39
C ASP D 181 41.07 -19.98 27.87
N TYR D 182 40.57 -21.13 28.34
CA TYR D 182 39.97 -21.21 29.67
C TYR D 182 40.98 -21.50 30.76
N GLU D 183 41.66 -22.66 30.68
CA GLU D 183 42.56 -23.05 31.76
C GLU D 183 43.59 -21.98 32.05
N LYS D 184 43.99 -21.20 31.05
CA LYS D 184 44.86 -20.05 31.25
C LYS D 184 44.10 -18.82 31.72
N HIS D 185 43.15 -19.01 32.63
CA HIS D 185 42.43 -17.92 33.26
C HIS D 185 42.07 -18.34 34.68
N LYS D 186 41.81 -17.34 35.52
CA LYS D 186 41.71 -17.56 36.96
C LYS D 186 40.28 -17.62 37.46
N VAL D 187 39.61 -16.47 37.49
CA VAL D 187 38.29 -16.32 38.11
C VAL D 187 37.32 -15.80 37.06
N TYR D 188 36.25 -16.56 36.82
CA TYR D 188 35.17 -16.17 35.91
C TYR D 188 33.89 -16.03 36.72
N ALA D 189 33.12 -14.98 36.42
CA ALA D 189 31.95 -14.65 37.20
C ALA D 189 30.73 -14.50 36.29
N CYS D 190 29.56 -14.48 36.93
CA CYS D 190 28.27 -14.30 36.27
C CYS D 190 27.49 -13.28 37.08
N GLU D 191 27.31 -12.08 36.53
CA GLU D 191 26.66 -10.98 37.25
C GLU D 191 25.25 -10.80 36.72
N VAL D 192 24.27 -11.02 37.59
CA VAL D 192 22.85 -11.01 37.22
C VAL D 192 22.23 -9.70 37.66
N THR D 193 21.36 -9.16 36.82
CA THR D 193 20.55 -7.99 37.14
C THR D 193 19.09 -8.37 36.97
N HIS D 194 18.22 -8.06 37.93
CA HIS D 194 16.79 -8.40 37.89
C HIS D 194 15.99 -7.35 38.67
N GLN D 195 14.72 -7.12 38.33
CA GLN D 195 13.84 -6.10 38.93
C GLN D 195 13.57 -6.32 40.42
N GLY D 196 13.66 -7.54 40.90
CA GLY D 196 13.50 -7.96 42.29
C GLY D 196 14.81 -8.09 43.01
N LEU D 197 15.92 -7.68 42.40
CA LEU D 197 17.23 -7.67 43.08
C LEU D 197 17.48 -6.22 43.42
N SER D 198 17.89 -5.90 44.65
CA SER D 198 18.15 -4.54 45.15
C SER D 198 19.33 -3.95 44.39
N SER D 199 20.35 -4.77 44.23
CA SER D 199 21.61 -4.50 43.52
C SER D 199 21.97 -5.73 42.69
N PRO D 200 22.81 -5.72 41.65
CA PRO D 200 23.09 -6.95 40.95
C PRO D 200 23.80 -8.02 41.80
N VAL D 201 23.55 -9.29 41.52
CA VAL D 201 24.14 -10.43 42.28
C VAL D 201 25.22 -11.12 41.44
N THR D 202 26.35 -11.50 42.01
CA THR D 202 27.48 -12.10 41.33
C THR D 202 27.77 -13.48 41.91
N LYS D 203 28.03 -14.44 41.04
CA LYS D 203 28.40 -15.79 41.42
C LYS D 203 29.63 -16.20 40.63
N SER D 204 30.57 -16.84 41.31
CA SER D 204 31.90 -17.03 40.74
C SER D 204 32.54 -18.30 41.28
N PHE D 205 33.64 -18.70 40.63
CA PHE D 205 34.50 -19.74 41.15
C PHE D 205 35.86 -19.61 40.48
N ASN D 206 36.92 -19.82 41.26
CA ASN D 206 38.26 -19.88 40.71
C ASN D 206 38.47 -21.22 40.02
N ARG D 207 39.16 -21.20 38.89
CA ARG D 207 39.33 -22.39 38.07
C ARG D 207 39.91 -23.56 38.87
K K E . -25.01 17.48 1.49
K K F . -18.02 21.25 11.45
K K G . -20.31 22.49 0.61
C1 EDO H . -28.41 6.96 8.22
O1 EDO H . -27.21 6.33 7.85
C2 EDO H . -29.03 7.65 7.01
O2 EDO H . -30.11 6.90 6.56
C1 EDO I . 3.46 16.23 -2.59
O1 EDO I . 4.77 16.72 -2.38
C2 EDO I . 3.25 15.94 -4.08
O2 EDO I . 1.93 15.53 -4.28
C1 EDO J . -6.13 12.63 -21.24
O1 EDO J . -6.71 13.77 -21.82
C2 EDO J . -6.31 12.70 -19.72
O2 EDO J . -5.86 13.95 -19.27
C1 EDO K . -20.71 50.78 -33.30
O1 EDO K . -22.05 51.14 -33.45
C2 EDO K . -19.95 51.04 -34.59
O2 EDO K . -18.66 50.50 -34.51
C1 EDO L . -27.76 7.09 -3.84
O1 EDO L . -27.39 7.15 -2.48
C2 EDO L . -28.15 8.49 -4.31
O2 EDO L . -27.37 8.83 -5.44
C1 PEG M . -14.89 42.07 -53.97
O1 PEG M . -15.02 42.09 -55.38
C2 PEG M . -14.89 40.62 -53.47
O2 PEG M . -15.42 40.55 -52.17
C3 PEG M . -16.73 40.03 -52.07
C4 PEG M . -16.73 38.65 -51.41
O4 PEG M . -18.05 38.23 -51.14
S SCN N . -9.42 20.01 -13.85
C SCN N . -11.09 20.24 -14.52
N SCN N . -12.19 20.37 -14.95
C TRS O . -19.31 48.05 -45.96
C1 TRS O . -17.82 47.66 -45.71
C2 TRS O . -19.73 47.43 -47.33
C3 TRS O . -19.33 49.59 -46.15
N TRS O . -20.14 47.49 -44.70
O1 TRS O . -16.96 47.94 -46.80
O2 TRS O . -20.06 46.06 -47.14
O3 TRS O . -19.79 50.17 -44.96
C1 EDO P . -2.31 32.83 -26.84
O1 EDO P . -2.01 34.21 -26.85
C2 EDO P . -1.26 32.08 -27.66
O2 EDO P . -1.65 31.98 -29.01
C1 PEG Q . -22.08 8.51 -21.58
O1 PEG Q . -22.59 9.14 -22.72
C2 PEG Q . -23.17 7.66 -20.94
O2 PEG Q . -22.76 7.25 -19.67
C3 PEG Q . -23.60 7.66 -18.61
C4 PEG Q . -24.94 6.93 -18.69
O4 PEG Q . -25.18 6.23 -17.50
C1 EDO R . -13.70 -13.16 6.55
O1 EDO R . -12.97 -12.94 7.73
C2 EDO R . -12.76 -13.16 5.35
O2 EDO R . -12.59 -14.47 4.85
C1 EDO S . -18.27 -5.38 10.65
O1 EDO S . -19.44 -4.80 10.12
C2 EDO S . -17.97 -4.75 12.01
O2 EDO S . -17.97 -5.73 13.00
C1 EDO T . -10.04 -21.84 22.80
O1 EDO T . -8.72 -22.20 22.48
C2 EDO T . -10.14 -21.60 24.30
O2 EDO T . -11.10 -20.61 24.55
C1 PEG U . 6.23 -17.84 45.53
O1 PEG U . 7.10 -17.00 44.83
C2 PEG U . 5.30 -18.54 44.54
O2 PEG U . 5.79 -19.81 44.18
C3 PEG U . 7.06 -19.83 43.58
C4 PEG U . 7.75 -21.17 43.90
O4 PEG U . 9.14 -20.98 43.97
#